data_1LQ2
#
_entry.id   1LQ2
#
_cell.length_a   100.693
_cell.length_b   100.693
_cell.length_c   182.676
_cell.angle_alpha   90.00
_cell.angle_beta   90.00
_cell.angle_gamma   90.00
#
_symmetry.space_group_name_H-M   'P 43 21 2'
#
loop_
_entity.id
_entity.type
_entity.pdbx_description
1 polymer 'Beta-D-glucan glucohydrolase isoenzyme Exo1'
2 branched 2-acetamido-2-deoxy-beta-D-glucopyranose-(1-2)-alpha-D-mannopyranose-(1-6)-alpha-D-mannopyranose-(1-4)-2-acetamido-2-deoxy-beta-D-glucopyranose-(1-4)-[alpha-L-fucopyranose-(1-3)]2-acetamido-2-deoxy-beta-D-glucopyranose
3 branched beta-D-mannopyranose-(1-4)-2-acetamido-2-deoxy-beta-D-glucopyranose-(1-4)-[alpha-L-fucopyranose-(1-3)]2-acetamido-2-deoxy-beta-D-glucopyranose
4 non-polymer 2-acetamido-2-deoxy-beta-D-glucopyranose
5 non-polymer (5R,6R,7S,8S)-5-(HYDROXYMETHYL)-2-PHENYL-5,6,7,8-TETRAHYDROIMIDAZO[1,2-A]PYRIDINE-6,7,8-TRIOL
6 non-polymer GLYCEROL
7 water water
#
_entity_poly.entity_id   1
_entity_poly.type   'polypeptide(L)'
_entity_poly.pdbx_seq_one_letter_code
;DYVLYKDATKPVEDRVADLLGRMTLAEKIGQMTQIERLVATPDVLRDNFIGSLLSGGGSVPRKGATAKEWQDMVDGFQKA
CMSTRLGIPMIYGIDAVHGQNNVYGATIFPHNVGLGATRDPYLVKRIGEATALEVRATGIQYAFAPCIAVCRDPRWGRCY
ESYSEDRRIVQSMTELIPGLQGDVPKDFTSGMPFVAGKNKVAACAKHFVGDGGTVDGINENNTIINREGLMNIHMPAYKN
AMDKGVSTVMISYSSWNGVKMHANQDLVTGYLKDTLKFKGFVISDWEGIDRITTPAGSDYSYSVKASILAGLDMIMVPNK
YQQFISILTGHVNGGVIPMSRIDDAVTRILRVKFTMGLFENPYADPAMAEQLGKQEHRDLAREAARKSLVLLKNGKTSTD
APLLPLPKKAPKILVAGSHADNLGYQCGGWTIEWQGDTGRTTVGTTILEAVKAAVDPSTVVVFAENPDAEFVKSGGFSYA
IVAVGEHPYTETKGDNLNLTIPEPGLSTVQAVCGGVRCATVLISGRPVVVQPLLAASDALVAAWLPGSEGQGVTDALFGD
FGFTGRLPRTWFKSVDQLPMNVGDAHYDPLFRLGYGLTTNAT
;
_entity_poly.pdbx_strand_id   A
#
loop_
_chem_comp.id
_chem_comp.type
_chem_comp.name
_chem_comp.formula
BMA D-saccharide, beta linking beta-D-mannopyranose 'C6 H12 O6'
FUC L-saccharide, alpha linking alpha-L-fucopyranose 'C6 H12 O5'
GOL non-polymer GLYCEROL 'C3 H8 O3'
IDD non-polymer (5R,6R,7S,8S)-5-(HYDROXYMETHYL)-2-PHENYL-5,6,7,8-TETRAHYDROIMIDAZO[1,2-A]PYRIDINE-6,7,8-TRIOL 'C14 H16 N2 O4'
MAN D-saccharide, alpha linking alpha-D-mannopyranose 'C6 H12 O6'
NAG D-saccharide, beta linking 2-acetamido-2-deoxy-beta-D-glucopyranose 'C8 H15 N O6'
#
# COMPACT_ATOMS: atom_id res chain seq x y z
N ASP A 1 8.53 8.05 -44.38
CA ASP A 1 7.25 7.36 -44.70
C ASP A 1 6.39 7.18 -43.46
N TYR A 2 5.27 6.49 -43.63
CA TYR A 2 4.31 6.22 -42.55
C TYR A 2 4.90 5.43 -41.38
N VAL A 3 4.78 5.99 -40.17
CA VAL A 3 5.28 5.34 -38.95
C VAL A 3 4.11 4.74 -38.18
N LEU A 4 3.94 3.43 -38.33
CA LEU A 4 2.87 2.70 -37.68
C LEU A 4 2.73 2.90 -36.17
N TYR A 5 3.82 2.77 -35.43
CA TYR A 5 3.76 2.91 -33.98
C TYR A 5 3.23 4.25 -33.51
N LYS A 6 3.27 5.25 -34.39
CA LYS A 6 2.76 6.57 -34.04
C LYS A 6 1.26 6.72 -34.31
N ASP A 7 0.69 5.78 -35.05
CA ASP A 7 -0.73 5.84 -35.37
C ASP A 7 -1.60 5.20 -34.30
N ALA A 8 -2.34 6.04 -33.58
CA ALA A 8 -3.21 5.58 -32.50
C ALA A 8 -4.33 4.65 -32.94
N THR A 9 -4.79 4.80 -34.18
CA THR A 9 -5.88 3.97 -34.70
C THR A 9 -5.44 2.54 -34.97
N LYS A 10 -4.20 2.22 -34.63
CA LYS A 10 -3.67 0.88 -34.87
C LYS A 10 -3.66 0.04 -33.60
N PRO A 11 -3.72 -1.29 -33.75
CA PRO A 11 -3.72 -2.25 -32.63
C PRO A 11 -2.49 -2.12 -31.76
N VAL A 12 -2.64 -2.45 -30.47
CA VAL A 12 -1.53 -2.36 -29.52
C VAL A 12 -0.33 -3.18 -29.99
N GLU A 13 -0.55 -4.49 -30.18
CA GLU A 13 0.52 -5.39 -30.61
C GLU A 13 1.21 -4.91 -31.86
N ASP A 14 0.45 -4.44 -32.84
CA ASP A 14 1.03 -3.94 -34.09
C ASP A 14 2.00 -2.80 -33.82
N ARG A 15 1.57 -1.84 -33.02
CA ARG A 15 2.40 -0.68 -32.69
C ARG A 15 3.66 -1.09 -31.93
N VAL A 16 3.53 -2.00 -30.96
CA VAL A 16 4.70 -2.46 -30.20
C VAL A 16 5.68 -3.09 -31.19
N ALA A 17 5.18 -4.03 -31.98
CA ALA A 17 5.99 -4.74 -32.94
C ALA A 17 6.72 -3.82 -33.91
N ASP A 18 6.08 -2.74 -34.31
CA ASP A 18 6.67 -1.80 -35.25
C ASP A 18 7.80 -1.00 -34.63
N LEU A 19 7.55 -0.45 -33.44
CA LEU A 19 8.55 0.36 -32.72
C LEU A 19 9.78 -0.46 -32.33
N LEU A 20 9.55 -1.61 -31.70
CA LEU A 20 10.65 -2.48 -31.30
C LEU A 20 11.56 -2.75 -32.49
N GLY A 21 10.97 -2.80 -33.68
CA GLY A 21 11.74 -3.07 -34.87
C GLY A 21 12.67 -1.94 -35.28
N ARG A 22 12.42 -0.75 -34.73
CA ARG A 22 13.24 0.41 -35.06
C ARG A 22 14.26 0.73 -33.97
N MET A 23 14.10 0.09 -32.82
CA MET A 23 14.97 0.35 -31.68
C MET A 23 16.37 -0.24 -31.77
N THR A 24 17.36 0.53 -31.34
CA THR A 24 18.75 0.10 -31.33
C THR A 24 18.86 -0.87 -30.16
N LEU A 25 19.97 -0.84 -29.44
CA LEU A 25 20.14 -1.71 -28.27
C LEU A 25 20.09 -0.82 -27.04
N ALA A 26 20.70 0.35 -27.17
CA ALA A 26 20.74 1.32 -26.09
C ALA A 26 19.33 1.73 -25.70
N GLU A 27 18.46 1.85 -26.72
CA GLU A 27 17.06 2.24 -26.51
C GLU A 27 16.24 1.10 -25.88
N LYS A 28 16.49 -0.13 -26.31
CA LYS A 28 15.79 -1.27 -25.78
C LYS A 28 16.09 -1.37 -24.30
N ILE A 29 17.35 -1.17 -23.95
CA ILE A 29 17.77 -1.24 -22.56
C ILE A 29 17.28 -0.02 -21.79
N GLY A 30 17.10 1.09 -22.50
CA GLY A 30 16.62 2.30 -21.86
C GLY A 30 15.23 2.03 -21.34
N GLN A 31 14.44 1.33 -22.15
CA GLN A 31 13.09 1.00 -21.75
C GLN A 31 13.07 0.13 -20.52
N MET A 32 14.16 -0.60 -20.29
CA MET A 32 14.24 -1.48 -19.13
C MET A 32 14.80 -0.79 -17.88
N THR A 33 15.08 0.50 -17.98
CA THR A 33 15.65 1.22 -16.84
C THR A 33 14.71 2.20 -16.14
N GLN A 34 14.57 2.03 -14.84
CA GLN A 34 13.73 2.92 -14.05
C GLN A 34 14.61 3.55 -12.97
N ILE A 35 14.54 4.87 -12.85
CA ILE A 35 15.36 5.57 -11.88
C ILE A 35 14.61 6.57 -11.02
N GLU A 36 15.16 6.83 -9.84
CA GLU A 36 14.62 7.79 -8.89
C GLU A 36 14.64 9.14 -9.59
N ARG A 37 13.71 10.01 -9.24
CA ARG A 37 13.67 11.34 -9.85
C ARG A 37 14.86 12.12 -9.33
N LEU A 38 15.33 11.73 -8.15
CA LEU A 38 16.47 12.38 -7.50
C LEU A 38 17.72 12.39 -8.37
N VAL A 39 17.90 11.37 -9.17
CA VAL A 39 19.08 11.29 -10.05
C VAL A 39 18.74 11.55 -11.52
N ALA A 40 17.54 12.07 -11.77
CA ALA A 40 17.09 12.35 -13.13
C ALA A 40 17.35 13.78 -13.60
N THR A 41 17.71 13.90 -14.88
CA THR A 41 18.00 15.19 -15.50
C THR A 41 17.63 15.08 -16.96
N PRO A 42 17.05 16.14 -17.53
CA PRO A 42 16.68 16.07 -18.95
C PRO A 42 17.74 15.33 -19.75
N ASP A 43 19.00 15.76 -19.62
CA ASP A 43 20.10 15.12 -20.34
C ASP A 43 20.20 13.62 -20.01
N VAL A 44 20.29 13.29 -18.73
CA VAL A 44 20.38 11.89 -18.35
C VAL A 44 19.26 11.09 -18.97
N LEU A 45 18.03 11.54 -18.77
CA LEU A 45 16.88 10.85 -19.32
C LEU A 45 16.93 10.72 -20.81
N ARG A 46 17.37 11.76 -21.50
CA ARG A 46 17.43 11.70 -22.95
C ARG A 46 18.59 10.87 -23.44
N ASP A 47 19.77 11.14 -22.89
CA ASP A 47 20.98 10.43 -23.29
C ASP A 47 21.02 8.95 -22.96
N ASN A 48 20.30 8.53 -21.94
CA ASN A 48 20.30 7.12 -21.59
C ASN A 48 19.02 6.42 -21.97
N PHE A 49 18.17 7.13 -22.71
CA PHE A 49 16.89 6.61 -23.17
C PHE A 49 16.06 5.99 -22.06
N ILE A 50 16.10 6.61 -20.89
CA ILE A 50 15.35 6.15 -19.73
C ILE A 50 13.89 5.92 -20.10
N GLY A 51 13.39 4.73 -19.77
CA GLY A 51 12.01 4.38 -20.09
C GLY A 51 11.04 4.59 -18.94
N SER A 52 11.55 4.80 -17.73
CA SER A 52 10.67 5.01 -16.58
C SER A 52 11.34 5.67 -15.37
N LEU A 53 10.56 6.46 -14.62
CA LEU A 53 11.03 7.13 -13.41
C LEU A 53 10.08 6.82 -12.26
N LEU A 54 10.55 7.04 -11.04
CA LEU A 54 9.72 6.83 -9.86
C LEU A 54 10.12 7.75 -8.71
N SER A 55 9.31 7.69 -7.66
CA SER A 55 9.56 8.47 -6.44
C SER A 55 9.44 7.52 -5.29
N GLY A 56 10.53 7.36 -4.53
CA GLY A 56 10.48 6.49 -3.38
C GLY A 56 9.73 7.18 -2.26
N GLY A 57 9.50 6.48 -1.16
CA GLY A 57 8.78 7.09 -0.06
C GLY A 57 9.36 8.44 0.28
N GLY A 58 8.53 9.47 0.26
CA GLY A 58 8.99 10.80 0.61
C GLY A 58 9.81 11.55 -0.44
N SER A 59 9.96 10.98 -1.63
CA SER A 59 10.71 11.65 -2.70
C SER A 59 9.76 12.62 -3.38
N VAL A 60 9.62 13.80 -2.80
CA VAL A 60 8.73 14.81 -3.32
C VAL A 60 9.52 15.95 -3.92
N PRO A 61 8.90 16.67 -4.86
CA PRO A 61 9.56 17.80 -5.51
C PRO A 61 9.92 18.90 -4.52
N ARG A 62 9.01 19.12 -3.58
CA ARG A 62 9.15 20.14 -2.56
C ARG A 62 8.21 19.68 -1.46
N LYS A 63 8.62 19.80 -0.20
CA LYS A 63 7.70 19.38 0.85
C LYS A 63 6.56 20.38 0.91
N GLY A 64 5.33 19.86 0.74
CA GLY A 64 4.16 20.72 0.75
C GLY A 64 3.76 21.11 -0.66
N ALA A 65 4.39 20.48 -1.64
CA ALA A 65 4.11 20.77 -3.04
C ALA A 65 2.63 20.63 -3.39
N THR A 66 2.18 21.44 -4.33
CA THR A 66 0.79 21.40 -4.78
C THR A 66 0.73 20.34 -5.86
N ALA A 67 -0.46 20.08 -6.38
CA ALA A 67 -0.62 19.10 -7.43
C ALA A 67 -0.01 19.64 -8.72
N LYS A 68 -0.14 20.95 -8.93
CA LYS A 68 0.39 21.56 -10.12
C LYS A 68 1.89 21.36 -10.17
N GLU A 69 2.55 21.56 -9.03
CA GLU A 69 4.00 21.38 -9.00
C GLU A 69 4.37 19.98 -9.45
N TRP A 70 3.69 18.97 -8.91
CA TRP A 70 3.98 17.61 -9.29
C TRP A 70 3.84 17.45 -10.79
N GLN A 71 2.68 17.85 -11.31
CA GLN A 71 2.43 17.74 -12.75
C GLN A 71 3.58 18.38 -13.52
N ASP A 72 3.96 19.59 -13.12
CA ASP A 72 5.04 20.29 -13.79
C ASP A 72 6.32 19.47 -13.76
N MET A 73 6.60 18.87 -12.61
CA MET A 73 7.80 18.06 -12.48
C MET A 73 7.77 16.88 -13.44
N VAL A 74 6.73 16.07 -13.33
CA VAL A 74 6.61 14.91 -14.21
C VAL A 74 6.71 15.37 -15.66
N ASP A 75 5.93 16.39 -16.01
CA ASP A 75 5.92 16.93 -17.37
C ASP A 75 7.32 17.34 -17.81
N GLY A 76 8.12 17.80 -16.84
CA GLY A 76 9.47 18.22 -17.15
C GLY A 76 10.29 17.05 -17.64
N PHE A 77 10.14 15.92 -16.95
CA PHE A 77 10.86 14.69 -17.27
C PHE A 77 10.36 14.10 -18.58
N GLN A 78 9.04 14.08 -18.77
CA GLN A 78 8.44 13.53 -19.98
C GLN A 78 8.91 14.33 -21.20
N LYS A 79 8.93 15.65 -21.07
CA LYS A 79 9.35 16.53 -22.15
C LYS A 79 10.71 16.04 -22.66
N ALA A 80 11.58 15.65 -21.72
CA ALA A 80 12.90 15.16 -22.06
C ALA A 80 12.84 13.84 -22.85
N CYS A 81 12.15 12.85 -22.30
CA CYS A 81 12.03 11.56 -22.98
C CYS A 81 11.38 11.67 -24.35
N MET A 82 10.41 12.57 -24.48
CA MET A 82 9.74 12.71 -25.77
C MET A 82 10.68 13.23 -26.84
N SER A 83 11.79 13.86 -26.43
CA SER A 83 12.74 14.38 -27.40
C SER A 83 13.76 13.35 -27.91
N THR A 84 13.62 12.10 -27.51
CA THR A 84 14.53 11.06 -28.00
C THR A 84 14.23 10.84 -29.47
N ARG A 85 15.15 10.19 -30.18
CA ARG A 85 14.96 9.93 -31.60
C ARG A 85 13.61 9.30 -31.87
N LEU A 86 13.24 8.32 -31.03
CA LEU A 86 11.97 7.63 -31.20
C LEU A 86 10.79 8.24 -30.44
N GLY A 87 11.09 9.14 -29.51
CA GLY A 87 10.04 9.78 -28.73
C GLY A 87 9.19 8.89 -27.85
N ILE A 88 9.81 7.89 -27.22
CA ILE A 88 9.08 6.98 -26.35
C ILE A 88 8.83 7.64 -25.00
N PRO A 89 7.56 7.79 -24.61
CA PRO A 89 7.18 8.41 -23.34
C PRO A 89 7.56 7.54 -22.14
N MET A 90 7.92 8.19 -21.04
CA MET A 90 8.28 7.45 -19.85
C MET A 90 7.05 7.24 -18.97
N ILE A 91 7.09 6.22 -18.13
CA ILE A 91 6.00 5.94 -17.22
C ILE A 91 6.53 6.23 -15.82
N TYR A 92 5.84 7.13 -15.11
CA TYR A 92 6.24 7.52 -13.77
C TYR A 92 5.46 6.72 -12.72
N GLY A 93 6.18 5.97 -11.89
CA GLY A 93 5.51 5.19 -10.86
C GLY A 93 5.73 5.73 -9.47
N ILE A 94 4.78 5.49 -8.58
CA ILE A 94 4.87 5.94 -7.19
C ILE A 94 4.04 5.03 -6.30
N ASP A 95 4.38 4.99 -5.01
CA ASP A 95 3.64 4.14 -4.08
C ASP A 95 2.37 4.78 -3.55
N ALA A 96 1.29 4.65 -4.31
CA ALA A 96 0.02 5.18 -3.88
C ALA A 96 -0.70 3.95 -3.35
N VAL A 97 -0.24 3.48 -2.18
CA VAL A 97 -0.78 2.29 -1.54
C VAL A 97 -2.04 2.50 -0.70
N HIS A 98 -2.34 3.75 -0.33
CA HIS A 98 -3.59 4.07 0.40
C HIS A 98 -3.91 5.53 0.17
N GLY A 99 -3.98 5.86 -1.12
CA GLY A 99 -4.23 7.21 -1.58
C GLY A 99 -2.90 7.63 -2.19
N GLN A 100 -2.80 8.83 -2.72
CA GLN A 100 -1.54 9.28 -3.29
C GLN A 100 -0.75 9.74 -2.06
N ASN A 101 -0.69 8.84 -1.08
CA ASN A 101 -0.03 9.07 0.21
C ASN A 101 1.27 9.84 0.31
N ASN A 102 1.93 10.10 -0.81
CA ASN A 102 3.18 10.86 -0.76
C ASN A 102 2.94 12.37 -0.88
N VAL A 103 1.84 12.74 -1.53
CA VAL A 103 1.46 14.14 -1.75
C VAL A 103 0.76 14.83 -0.58
N TYR A 104 1.11 16.09 -0.37
CA TYR A 104 0.54 16.88 0.70
C TYR A 104 -0.89 17.24 0.32
N GLY A 105 -1.83 17.02 1.23
CA GLY A 105 -3.22 17.34 0.95
C GLY A 105 -3.97 16.23 0.23
N ALA A 106 -3.31 15.08 0.05
CA ALA A 106 -3.93 13.94 -0.60
C ALA A 106 -4.77 13.18 0.42
N THR A 107 -5.89 12.63 -0.03
CA THR A 107 -6.76 11.86 0.86
C THR A 107 -6.04 10.57 1.29
N ILE A 108 -5.88 10.37 2.59
CA ILE A 108 -5.19 9.19 3.13
C ILE A 108 -6.21 8.17 3.67
N PHE A 109 -6.47 7.13 2.88
CA PHE A 109 -7.41 6.07 3.22
C PHE A 109 -6.82 5.10 4.24
N PRO A 110 -7.64 4.18 4.77
CA PRO A 110 -7.15 3.20 5.74
C PRO A 110 -6.13 2.29 5.04
N HIS A 111 -5.18 1.75 5.79
CA HIS A 111 -4.22 0.83 5.20
C HIS A 111 -4.93 -0.50 4.96
N ASN A 112 -4.31 -1.39 4.21
CA ASN A 112 -4.92 -2.68 3.88
C ASN A 112 -5.54 -3.49 5.01
N VAL A 113 -4.77 -3.79 6.05
CA VAL A 113 -5.29 -4.56 7.18
C VAL A 113 -6.69 -4.08 7.56
N GLY A 114 -6.82 -2.77 7.76
CA GLY A 114 -8.10 -2.19 8.14
C GLY A 114 -9.19 -2.42 7.12
N LEU A 115 -8.84 -2.31 5.85
CA LEU A 115 -9.82 -2.50 4.80
C LEU A 115 -10.31 -3.95 4.75
N GLY A 116 -9.44 -4.89 5.08
CA GLY A 116 -9.83 -6.28 5.09
C GLY A 116 -10.92 -6.54 6.11
N ALA A 117 -10.86 -5.81 7.21
CA ALA A 117 -11.84 -5.96 8.28
C ALA A 117 -13.24 -5.54 7.83
N THR A 118 -13.32 -4.84 6.70
CA THR A 118 -14.60 -4.37 6.19
C THR A 118 -15.29 -5.43 5.36
N ARG A 119 -14.52 -6.34 4.78
CA ARG A 119 -15.08 -7.40 3.96
C ARG A 119 -15.91 -6.83 2.81
N ASP A 120 -15.77 -5.53 2.52
CA ASP A 120 -16.53 -4.91 1.44
C ASP A 120 -15.63 -4.60 0.24
N PRO A 121 -15.29 -5.63 -0.56
CA PRO A 121 -14.43 -5.41 -1.73
C PRO A 121 -14.92 -4.37 -2.71
N TYR A 122 -16.19 -3.99 -2.63
CA TYR A 122 -16.69 -2.95 -3.53
C TYR A 122 -16.20 -1.59 -3.03
N LEU A 123 -16.17 -1.43 -1.70
CA LEU A 123 -15.69 -0.21 -1.07
C LEU A 123 -14.23 0.00 -1.48
N VAL A 124 -13.48 -1.09 -1.53
CA VAL A 124 -12.08 -1.05 -1.92
C VAL A 124 -11.97 -0.65 -3.39
N LYS A 125 -12.87 -1.18 -4.22
CA LYS A 125 -12.84 -0.83 -5.64
C LYS A 125 -13.06 0.66 -5.82
N ARG A 126 -13.85 1.26 -4.94
CA ARG A 126 -14.13 2.68 -5.03
C ARG A 126 -12.93 3.48 -4.55
N ILE A 127 -12.15 2.88 -3.65
CA ILE A 127 -10.94 3.51 -3.13
C ILE A 127 -9.92 3.56 -4.27
N GLY A 128 -9.84 2.48 -5.04
CA GLY A 128 -8.92 2.43 -6.16
C GLY A 128 -9.30 3.49 -7.17
N GLU A 129 -10.58 3.64 -7.42
CA GLU A 129 -11.05 4.63 -8.38
C GLU A 129 -10.65 6.02 -7.88
N ALA A 130 -10.82 6.24 -6.59
CA ALA A 130 -10.45 7.53 -6.02
C ALA A 130 -8.95 7.70 -6.23
N THR A 131 -8.18 6.84 -5.58
CA THR A 131 -6.73 6.89 -5.70
C THR A 131 -6.25 7.12 -7.14
N ALA A 132 -6.99 6.57 -8.11
CA ALA A 132 -6.58 6.76 -9.51
C ALA A 132 -6.63 8.23 -9.86
N LEU A 133 -7.75 8.85 -9.54
CA LEU A 133 -7.95 10.25 -9.82
C LEU A 133 -6.92 11.14 -9.14
N GLU A 134 -6.67 10.88 -7.86
CA GLU A 134 -5.71 11.68 -7.12
C GLU A 134 -4.25 11.47 -7.51
N VAL A 135 -3.93 10.29 -8.01
CA VAL A 135 -2.57 10.04 -8.45
C VAL A 135 -2.41 10.72 -9.82
N ARG A 136 -3.49 10.73 -10.61
CA ARG A 136 -3.46 11.36 -11.93
C ARG A 136 -3.53 12.88 -11.76
N ALA A 137 -4.04 13.31 -10.62
CA ALA A 137 -4.15 14.73 -10.33
C ALA A 137 -2.76 15.35 -10.19
N THR A 138 -1.77 14.50 -9.93
CA THR A 138 -0.39 14.94 -9.74
C THR A 138 0.45 14.58 -10.96
N GLY A 139 -0.22 14.22 -12.04
CA GLY A 139 0.50 13.88 -13.26
C GLY A 139 1.08 12.48 -13.33
N ILE A 140 1.03 11.72 -12.25
CA ILE A 140 1.57 10.36 -12.26
C ILE A 140 0.60 9.34 -12.90
N GLN A 141 1.15 8.31 -13.52
CA GLN A 141 0.35 7.32 -14.24
C GLN A 141 0.52 5.86 -13.78
N TYR A 142 1.29 5.64 -12.73
CA TYR A 142 1.55 4.29 -12.28
C TYR A 142 1.63 4.21 -10.76
N ALA A 143 0.79 3.36 -10.17
CA ALA A 143 0.78 3.17 -8.72
C ALA A 143 1.26 1.75 -8.43
N PHE A 144 2.21 1.63 -7.49
CA PHE A 144 2.78 0.34 -7.10
C PHE A 144 1.85 -0.39 -6.15
N ALA A 145 0.62 -0.63 -6.57
CA ALA A 145 -0.37 -1.30 -5.76
C ALA A 145 -1.27 -2.16 -6.65
N PRO A 146 -2.01 -3.12 -6.05
CA PRO A 146 -2.07 -3.43 -4.62
C PRO A 146 -1.07 -4.44 -4.11
N CYS A 147 -0.75 -4.34 -2.83
CA CYS A 147 0.14 -5.30 -2.21
C CYS A 147 -0.79 -6.45 -1.83
N ILE A 148 -0.69 -7.56 -2.55
CA ILE A 148 -1.53 -8.71 -2.25
C ILE A 148 -0.77 -9.82 -1.54
N ALA A 149 0.03 -9.43 -0.56
CA ALA A 149 0.77 -10.39 0.24
C ALA A 149 -0.21 -10.92 1.27
N VAL A 150 -0.02 -12.16 1.70
CA VAL A 150 -0.88 -12.72 2.75
C VAL A 150 0.00 -12.84 4.00
N CYS A 151 -0.01 -11.78 4.80
CA CYS A 151 0.79 -11.73 6.02
C CYS A 151 0.41 -12.93 6.87
N ARG A 152 1.42 -13.67 7.30
CA ARG A 152 1.22 -14.88 8.07
C ARG A 152 1.82 -14.83 9.47
N ASP A 153 2.54 -13.75 9.75
CA ASP A 153 3.16 -13.56 11.05
C ASP A 153 3.18 -12.04 11.29
N PRO A 154 2.29 -11.55 12.17
CA PRO A 154 2.20 -10.12 12.48
C PRO A 154 3.49 -9.45 12.94
N ARG A 155 4.50 -10.25 13.24
CA ARG A 155 5.75 -9.67 13.67
C ARG A 155 6.39 -8.99 12.45
N TRP A 156 5.80 -9.22 11.29
CA TRP A 156 6.29 -8.64 10.04
C TRP A 156 5.91 -7.15 9.93
N GLY A 157 6.92 -6.30 9.76
CA GLY A 157 6.70 -4.87 9.65
C GLY A 157 5.86 -4.38 8.48
N ARG A 158 5.43 -5.29 7.61
CA ARG A 158 4.60 -4.91 6.46
C ARG A 158 3.24 -5.58 6.54
N CYS A 159 2.87 -6.06 7.72
CA CYS A 159 1.60 -6.74 7.86
C CYS A 159 0.39 -5.84 7.60
N TYR A 160 0.51 -4.56 7.92
CA TYR A 160 -0.61 -3.64 7.71
C TYR A 160 -0.90 -3.43 6.23
N GLU A 161 0.02 -3.85 5.37
CA GLU A 161 -0.18 -3.72 3.93
C GLU A 161 -0.82 -4.98 3.35
N SER A 162 -1.26 -5.87 4.24
CA SER A 162 -1.88 -7.11 3.83
C SER A 162 -3.33 -7.13 4.29
N TYR A 163 -4.25 -7.24 3.35
CA TYR A 163 -5.66 -7.27 3.68
C TYR A 163 -5.98 -8.33 4.73
N SER A 164 -5.38 -9.51 4.61
CA SER A 164 -5.66 -10.59 5.56
C SER A 164 -4.60 -11.67 5.62
N GLU A 165 -4.85 -12.71 6.42
CA GLU A 165 -3.94 -13.85 6.56
C GLU A 165 -4.66 -14.95 5.81
N ASP A 166 -5.91 -14.65 5.45
CA ASP A 166 -6.77 -15.55 4.72
C ASP A 166 -6.76 -15.15 3.25
N ARG A 167 -6.02 -15.89 2.44
CA ARG A 167 -5.92 -15.58 1.01
C ARG A 167 -7.26 -15.32 0.33
N ARG A 168 -8.29 -16.07 0.72
CA ARG A 168 -9.62 -15.88 0.15
C ARG A 168 -9.97 -14.39 0.20
N ILE A 169 -9.68 -13.77 1.34
CA ILE A 169 -9.97 -12.36 1.56
C ILE A 169 -9.11 -11.47 0.67
N VAL A 170 -7.82 -11.78 0.62
CA VAL A 170 -6.92 -11.01 -0.20
C VAL A 170 -7.33 -11.09 -1.64
N GLN A 171 -7.93 -12.20 -2.05
CA GLN A 171 -8.38 -12.36 -3.43
C GLN A 171 -9.53 -11.39 -3.72
N SER A 172 -10.60 -11.49 -2.93
CA SER A 172 -11.76 -10.63 -3.11
C SER A 172 -11.36 -9.16 -3.13
N MET A 173 -10.26 -8.85 -2.45
CA MET A 173 -9.77 -7.48 -2.35
C MET A 173 -8.92 -6.98 -3.53
N THR A 174 -8.59 -7.87 -4.45
CA THR A 174 -7.83 -7.47 -5.62
C THR A 174 -8.72 -6.54 -6.45
N GLU A 175 -9.95 -6.34 -5.98
CA GLU A 175 -10.91 -5.47 -6.67
C GLU A 175 -10.34 -4.07 -6.83
N LEU A 176 -9.29 -3.77 -6.09
CA LEU A 176 -8.65 -2.47 -6.15
C LEU A 176 -8.13 -2.25 -7.57
N ILE A 177 -7.57 -3.31 -8.15
CA ILE A 177 -7.03 -3.24 -9.50
C ILE A 177 -8.02 -2.65 -10.51
N PRO A 178 -9.19 -3.29 -10.68
CA PRO A 178 -10.17 -2.75 -11.64
C PRO A 178 -10.55 -1.32 -11.28
N GLY A 179 -10.38 -0.96 -10.01
CA GLY A 179 -10.70 0.37 -9.57
C GLY A 179 -9.65 1.37 -10.03
N LEU A 180 -8.39 0.96 -9.92
CA LEU A 180 -7.26 1.80 -10.32
C LEU A 180 -7.07 1.87 -11.82
N GLN A 181 -7.28 0.74 -12.50
CA GLN A 181 -7.07 0.68 -13.94
C GLN A 181 -8.33 0.80 -14.79
N GLY A 182 -9.50 0.58 -14.18
CA GLY A 182 -10.75 0.61 -14.90
C GLY A 182 -11.15 -0.84 -15.12
N ASP A 183 -12.38 -1.10 -15.53
CA ASP A 183 -12.80 -2.49 -15.73
C ASP A 183 -12.39 -2.98 -17.11
N VAL A 184 -12.01 -4.25 -17.19
CA VAL A 184 -11.60 -4.89 -18.44
C VAL A 184 -12.81 -5.33 -19.27
N PRO A 185 -12.71 -5.22 -20.61
CA PRO A 185 -13.76 -5.59 -21.56
C PRO A 185 -14.27 -7.02 -21.36
N LYS A 186 -15.46 -7.30 -21.87
CA LYS A 186 -16.03 -8.64 -21.71
C LYS A 186 -15.11 -9.73 -22.26
N ASP A 187 -14.67 -9.56 -23.51
CA ASP A 187 -13.77 -10.54 -24.14
C ASP A 187 -12.54 -10.82 -23.27
N PHE A 188 -11.76 -9.77 -23.04
CA PHE A 188 -10.54 -9.80 -22.24
C PHE A 188 -9.90 -11.14 -21.89
N THR A 189 -8.62 -11.27 -22.20
CA THR A 189 -7.88 -12.48 -21.91
C THR A 189 -7.19 -12.36 -20.56
N SER A 190 -7.31 -13.38 -19.72
CA SER A 190 -6.66 -13.36 -18.41
C SER A 190 -5.15 -13.25 -18.61
N GLY A 191 -4.53 -12.24 -18.01
CA GLY A 191 -3.10 -12.08 -18.13
C GLY A 191 -2.64 -10.87 -18.95
N MET A 192 -3.52 -10.34 -19.79
CA MET A 192 -3.18 -9.19 -20.61
C MET A 192 -3.27 -7.93 -19.76
N PRO A 193 -2.30 -7.01 -19.89
CA PRO A 193 -2.32 -5.78 -19.10
C PRO A 193 -3.46 -4.89 -19.58
N PHE A 194 -3.93 -3.98 -18.71
CA PHE A 194 -5.03 -3.09 -19.07
C PHE A 194 -5.15 -1.82 -18.22
N VAL A 195 -5.55 -0.74 -18.89
CA VAL A 195 -5.79 0.56 -18.25
C VAL A 195 -6.71 1.36 -19.17
N ALA A 196 -7.85 1.81 -18.63
CA ALA A 196 -8.86 2.55 -19.40
C ALA A 196 -8.45 3.84 -20.10
N GLY A 197 -7.60 4.63 -19.48
CA GLY A 197 -7.21 5.86 -20.14
C GLY A 197 -6.46 6.87 -19.31
N LYS A 198 -6.59 8.13 -19.69
CA LYS A 198 -5.90 9.20 -18.99
C LYS A 198 -6.47 9.55 -17.64
N ASN A 199 -7.48 8.82 -17.17
CA ASN A 199 -8.08 9.10 -15.87
C ASN A 199 -7.88 7.94 -14.91
N LYS A 200 -7.18 6.94 -15.41
CA LYS A 200 -6.86 5.74 -14.64
C LYS A 200 -5.35 5.66 -14.61
N VAL A 201 -4.83 4.63 -13.96
CA VAL A 201 -3.38 4.45 -13.87
C VAL A 201 -3.02 2.98 -13.89
N ALA A 202 -1.78 2.70 -14.28
CA ALA A 202 -1.33 1.33 -14.32
C ALA A 202 -1.18 0.84 -12.87
N ALA A 203 -1.56 -0.41 -12.62
CA ALA A 203 -1.47 -0.97 -11.28
C ALA A 203 -0.33 -1.99 -11.20
N CYS A 204 0.08 -2.32 -9.98
CA CYS A 204 1.15 -3.27 -9.74
C CYS A 204 0.89 -4.22 -8.58
N ALA A 205 0.73 -5.50 -8.89
CA ALA A 205 0.51 -6.51 -7.88
C ALA A 205 1.89 -6.86 -7.35
N LYS A 206 2.08 -6.72 -6.04
CA LYS A 206 3.36 -6.99 -5.39
C LYS A 206 3.15 -7.70 -4.05
N HIS A 207 4.14 -8.44 -3.56
CA HIS A 207 5.42 -8.67 -4.21
C HIS A 207 5.55 -10.17 -4.52
N PHE A 208 5.65 -10.50 -5.81
CA PHE A 208 5.74 -11.88 -6.27
C PHE A 208 7.02 -12.54 -5.76
N VAL A 209 6.93 -13.56 -4.90
CA VAL A 209 5.71 -14.16 -4.34
C VAL A 209 6.01 -14.76 -2.97
N GLY A 210 5.08 -14.60 -2.02
CA GLY A 210 5.28 -15.14 -0.69
C GLY A 210 5.98 -14.19 0.26
N ASP A 211 5.85 -12.89 0.00
CA ASP A 211 6.48 -11.87 0.84
C ASP A 211 5.91 -11.89 2.26
N GLY A 212 4.68 -12.37 2.41
CA GLY A 212 4.07 -12.44 3.71
C GLY A 212 4.17 -13.83 4.34
N GLY A 213 5.26 -14.54 4.04
CA GLY A 213 5.44 -15.86 4.60
C GLY A 213 6.85 -16.11 5.10
N THR A 214 7.62 -15.04 5.29
CA THR A 214 8.99 -15.22 5.76
C THR A 214 8.99 -15.77 7.18
N VAL A 215 10.10 -16.38 7.56
CA VAL A 215 10.24 -16.94 8.90
C VAL A 215 10.29 -15.84 9.94
N ASP A 216 9.42 -15.95 10.93
CA ASP A 216 9.32 -14.98 12.02
C ASP A 216 8.80 -13.63 11.52
N GLY A 217 8.43 -13.57 10.25
CA GLY A 217 7.95 -12.32 9.70
C GLY A 217 9.09 -11.33 9.58
N ILE A 218 10.32 -11.86 9.44
CA ILE A 218 11.50 -11.02 9.29
C ILE A 218 11.38 -10.45 7.88
N ASN A 219 11.39 -9.13 7.75
CA ASN A 219 11.22 -8.54 6.44
C ASN A 219 12.23 -9.02 5.42
N GLU A 220 11.75 -9.21 4.19
CA GLU A 220 12.60 -9.64 3.09
C GLU A 220 13.24 -11.00 3.26
N ASN A 221 13.13 -11.63 4.43
CA ASN A 221 13.79 -12.91 4.63
C ASN A 221 13.33 -14.05 3.72
N ASN A 222 13.49 -15.27 4.23
CA ASN A 222 13.15 -16.48 3.49
C ASN A 222 11.81 -17.09 3.89
N THR A 223 11.12 -17.66 2.92
CA THR A 223 9.83 -18.30 3.17
C THR A 223 10.01 -19.80 2.94
N ILE A 224 10.08 -20.55 4.02
CA ILE A 224 10.29 -21.99 3.95
C ILE A 224 8.94 -22.72 3.95
N ILE A 225 8.49 -23.13 2.77
CA ILE A 225 7.23 -23.82 2.63
C ILE A 225 7.26 -24.64 1.33
N ASN A 226 6.39 -25.64 1.23
CA ASN A 226 6.34 -26.50 0.05
C ASN A 226 5.56 -25.81 -1.06
N ARG A 227 5.79 -26.26 -2.30
CA ARG A 227 5.12 -25.69 -3.47
C ARG A 227 3.61 -25.58 -3.31
N GLU A 228 3.00 -26.63 -2.79
CA GLU A 228 1.55 -26.67 -2.59
C GLU A 228 1.06 -25.54 -1.68
N GLY A 229 1.61 -25.47 -0.48
CA GLY A 229 1.22 -24.44 0.47
C GLY A 229 1.47 -23.05 -0.05
N LEU A 230 2.55 -22.91 -0.82
CA LEU A 230 2.92 -21.64 -1.42
C LEU A 230 1.91 -21.29 -2.51
N MET A 231 1.46 -22.31 -3.22
CA MET A 231 0.51 -22.14 -4.30
C MET A 231 -0.93 -21.91 -3.86
N ASN A 232 -1.33 -22.47 -2.72
CA ASN A 232 -2.70 -22.28 -2.27
C ASN A 232 -2.87 -21.14 -1.27
N ILE A 233 -1.74 -20.63 -0.76
CA ILE A 233 -1.78 -19.52 0.19
C ILE A 233 -1.35 -18.20 -0.47
N HIS A 234 -0.07 -18.08 -0.78
CA HIS A 234 0.45 -16.84 -1.35
C HIS A 234 0.20 -16.61 -2.85
N MET A 235 0.04 -17.68 -3.60
CA MET A 235 -0.14 -17.52 -5.04
C MET A 235 -1.51 -17.06 -5.54
N PRO A 236 -2.62 -17.64 -5.01
CA PRO A 236 -4.00 -17.32 -5.41
C PRO A 236 -4.41 -15.92 -5.89
N ALA A 237 -4.23 -14.89 -5.07
CA ALA A 237 -4.61 -13.51 -5.44
C ALA A 237 -4.05 -13.07 -6.80
N TYR A 238 -2.84 -13.53 -7.10
CA TYR A 238 -2.18 -13.19 -8.36
C TYR A 238 -3.01 -13.69 -9.52
N LYS A 239 -3.53 -14.90 -9.40
CA LYS A 239 -4.35 -15.47 -10.44
C LYS A 239 -5.51 -14.50 -10.66
N ASN A 240 -6.09 -14.00 -9.57
CA ASN A 240 -7.20 -13.05 -9.65
C ASN A 240 -6.78 -11.78 -10.37
N ALA A 241 -5.56 -11.32 -10.06
CA ALA A 241 -5.03 -10.11 -10.68
C ALA A 241 -4.87 -10.27 -12.18
N MET A 242 -4.64 -11.50 -12.65
CA MET A 242 -4.49 -11.77 -14.08
C MET A 242 -5.81 -11.57 -14.79
N ASP A 243 -6.87 -12.09 -14.18
CA ASP A 243 -8.21 -11.99 -14.73
C ASP A 243 -8.72 -10.57 -14.70
N LYS A 244 -8.31 -9.82 -13.68
CA LYS A 244 -8.74 -8.43 -13.56
C LYS A 244 -7.82 -7.53 -14.35
N GLY A 245 -6.90 -8.15 -15.09
CA GLY A 245 -5.99 -7.40 -15.95
C GLY A 245 -4.94 -6.49 -15.36
N VAL A 246 -4.31 -6.90 -14.26
CA VAL A 246 -3.26 -6.10 -13.64
C VAL A 246 -2.17 -5.80 -14.68
N SER A 247 -1.66 -4.56 -14.68
CA SER A 247 -0.63 -4.16 -15.64
C SER A 247 0.80 -4.60 -15.34
N THR A 248 1.18 -4.70 -14.07
CA THR A 248 2.54 -5.10 -13.75
C THR A 248 2.62 -5.95 -12.49
N VAL A 249 3.82 -6.44 -12.21
CA VAL A 249 4.07 -7.25 -11.01
C VAL A 249 5.51 -6.98 -10.55
N MET A 250 5.66 -6.56 -9.30
CA MET A 250 6.97 -6.29 -8.74
C MET A 250 7.39 -7.58 -8.07
N ILE A 251 8.69 -7.89 -8.15
CA ILE A 251 9.18 -9.11 -7.54
C ILE A 251 9.55 -8.82 -6.09
N SER A 252 9.36 -9.80 -5.22
CA SER A 252 9.66 -9.65 -3.80
C SER A 252 11.14 -9.82 -3.48
N TYR A 253 11.56 -9.19 -2.38
CA TYR A 253 12.93 -9.25 -1.89
C TYR A 253 13.15 -10.63 -1.29
N SER A 254 12.09 -11.18 -0.71
CA SER A 254 12.13 -12.48 -0.05
C SER A 254 12.47 -13.66 -0.96
N SER A 255 13.08 -14.68 -0.38
CA SER A 255 13.44 -15.89 -1.12
C SER A 255 12.43 -16.99 -0.80
N TRP A 256 12.42 -18.05 -1.60
CA TRP A 256 11.51 -19.18 -1.37
C TRP A 256 12.29 -20.49 -1.28
N ASN A 257 12.32 -21.08 -0.09
CA ASN A 257 13.05 -22.30 0.13
C ASN A 257 14.51 -21.98 -0.10
N GLY A 258 14.90 -20.75 0.21
CA GLY A 258 16.27 -20.35 0.04
C GLY A 258 16.64 -19.70 -1.29
N VAL A 259 15.69 -19.61 -2.22
CA VAL A 259 15.98 -18.99 -3.53
C VAL A 259 15.41 -17.58 -3.71
N LYS A 260 16.31 -16.63 -3.96
CA LYS A 260 15.96 -15.24 -4.17
C LYS A 260 14.93 -15.10 -5.29
N MET A 261 13.79 -14.48 -4.99
CA MET A 261 12.74 -14.31 -5.99
C MET A 261 13.24 -13.63 -7.28
N HIS A 262 14.18 -12.69 -7.14
CA HIS A 262 14.71 -11.97 -8.29
C HIS A 262 15.55 -12.86 -9.20
N ALA A 263 15.86 -14.07 -8.74
CA ALA A 263 16.65 -14.98 -9.54
C ALA A 263 15.84 -16.21 -9.98
N ASN A 264 14.64 -16.33 -9.42
CA ASN A 264 13.75 -17.46 -9.70
C ASN A 264 13.12 -17.51 -11.10
N GLN A 265 13.86 -18.05 -12.05
CA GLN A 265 13.36 -18.16 -13.42
C GLN A 265 12.15 -19.08 -13.55
N ASP A 266 11.99 -20.00 -12.61
CA ASP A 266 10.87 -20.91 -12.68
C ASP A 266 9.54 -20.24 -12.31
N LEU A 267 9.55 -19.46 -11.23
CA LEU A 267 8.35 -18.76 -10.80
C LEU A 267 8.07 -17.56 -11.67
N VAL A 268 9.08 -16.70 -11.83
CA VAL A 268 8.93 -15.51 -12.64
C VAL A 268 8.59 -15.82 -14.10
N THR A 269 9.46 -16.56 -14.77
CA THR A 269 9.23 -16.91 -16.17
C THR A 269 8.29 -18.11 -16.35
N GLY A 270 8.72 -19.25 -15.83
CA GLY A 270 7.93 -20.47 -15.96
C GLY A 270 6.50 -20.42 -15.46
N TYR A 271 6.29 -19.96 -14.24
CA TYR A 271 4.94 -19.91 -13.69
C TYR A 271 4.15 -18.64 -14.02
N LEU A 272 4.66 -17.50 -13.56
CA LEU A 272 3.97 -16.24 -13.79
C LEU A 272 3.70 -15.93 -15.26
N LYS A 273 4.74 -15.91 -16.08
CA LYS A 273 4.57 -15.62 -17.49
C LYS A 273 4.03 -16.80 -18.31
N ASP A 274 4.74 -17.93 -18.26
CA ASP A 274 4.37 -19.12 -19.02
C ASP A 274 3.05 -19.81 -18.65
N THR A 275 2.79 -19.95 -17.35
CA THR A 275 1.56 -20.61 -16.90
C THR A 275 0.37 -19.65 -16.70
N LEU A 276 0.57 -18.61 -15.90
CA LEU A 276 -0.49 -17.64 -15.65
C LEU A 276 -0.69 -16.78 -16.89
N LYS A 277 0.26 -16.89 -17.83
CA LYS A 277 0.23 -16.15 -19.08
C LYS A 277 0.20 -14.64 -18.91
N PHE A 278 1.05 -14.15 -18.00
CA PHE A 278 1.13 -12.73 -17.75
C PHE A 278 1.77 -12.07 -18.98
N LYS A 279 1.08 -11.07 -19.53
CA LYS A 279 1.53 -10.34 -20.70
C LYS A 279 1.94 -8.90 -20.41
N GLY A 280 1.78 -8.47 -19.16
CA GLY A 280 2.17 -7.12 -18.79
C GLY A 280 3.67 -7.15 -18.52
N PHE A 281 4.21 -6.14 -17.84
CA PHE A 281 5.63 -6.16 -17.55
C PHE A 281 5.99 -6.37 -16.08
N VAL A 282 7.12 -7.03 -15.85
CA VAL A 282 7.59 -7.35 -14.50
C VAL A 282 8.74 -6.44 -14.07
N ILE A 283 8.56 -5.78 -12.93
CA ILE A 283 9.55 -4.85 -12.40
C ILE A 283 10.17 -5.32 -11.09
N SER A 284 11.46 -5.08 -10.92
CA SER A 284 12.15 -5.48 -9.70
C SER A 284 11.75 -4.53 -8.60
N ASP A 285 12.46 -4.65 -7.49
CA ASP A 285 12.22 -3.77 -6.36
C ASP A 285 13.47 -2.91 -6.24
N TRP A 286 13.40 -1.95 -5.34
CA TRP A 286 14.48 -1.02 -5.07
C TRP A 286 15.79 -1.76 -4.73
N GLU A 287 16.70 -1.81 -5.70
CA GLU A 287 17.97 -2.52 -5.53
C GLU A 287 17.68 -4.00 -5.23
N GLY A 288 16.50 -4.44 -5.65
CA GLY A 288 16.11 -5.81 -5.43
C GLY A 288 17.06 -6.82 -6.04
N ILE A 289 17.65 -6.47 -7.18
CA ILE A 289 18.59 -7.38 -7.85
C ILE A 289 19.96 -7.35 -7.17
N ASP A 290 20.28 -6.25 -6.51
CA ASP A 290 21.56 -6.12 -5.80
C ASP A 290 21.48 -7.03 -4.56
N ARG A 291 20.28 -7.15 -4.01
CA ARG A 291 20.07 -7.94 -2.83
C ARG A 291 20.01 -9.43 -3.08
N ILE A 292 20.27 -9.83 -4.32
CA ILE A 292 20.30 -11.25 -4.65
C ILE A 292 21.56 -11.81 -4.01
N THR A 293 22.65 -11.05 -4.14
CA THR A 293 23.93 -11.45 -3.56
C THR A 293 23.99 -11.04 -2.12
N THR A 294 25.08 -11.43 -1.46
CA THR A 294 25.28 -11.12 -0.07
C THR A 294 26.78 -11.05 0.22
N PRO A 295 27.28 -9.86 0.60
CA PRO A 295 26.47 -8.64 0.76
C PRO A 295 25.77 -8.21 -0.54
N ALA A 296 24.89 -7.21 -0.43
CA ALA A 296 24.17 -6.72 -1.61
C ALA A 296 25.11 -5.87 -2.46
N GLY A 297 24.96 -5.95 -3.77
CA GLY A 297 25.80 -5.19 -4.66
C GLY A 297 27.23 -5.71 -4.78
N SER A 298 27.56 -6.75 -4.02
CA SER A 298 28.89 -7.34 -4.03
C SER A 298 29.29 -7.88 -5.41
N ASP A 299 28.31 -8.05 -6.28
CA ASP A 299 28.56 -8.55 -7.62
C ASP A 299 27.39 -8.16 -8.53
N TYR A 300 27.26 -6.85 -8.76
CA TYR A 300 26.18 -6.32 -9.58
C TYR A 300 26.11 -7.01 -10.93
N SER A 301 27.26 -7.44 -11.43
CA SER A 301 27.32 -8.12 -12.72
C SER A 301 26.46 -9.38 -12.67
N TYR A 302 26.49 -10.06 -11.54
CA TYR A 302 25.70 -11.29 -11.38
C TYR A 302 24.22 -10.98 -11.26
N SER A 303 23.92 -9.89 -10.55
CA SER A 303 22.54 -9.47 -10.31
C SER A 303 21.77 -9.17 -11.58
N VAL A 304 22.43 -8.61 -12.58
CA VAL A 304 21.77 -8.29 -13.84
C VAL A 304 21.50 -9.58 -14.59
N LYS A 305 22.54 -10.38 -14.73
CA LYS A 305 22.46 -11.66 -15.43
C LYS A 305 21.40 -12.57 -14.80
N ALA A 306 21.54 -12.82 -13.50
CA ALA A 306 20.62 -13.67 -12.76
C ALA A 306 19.18 -13.16 -12.78
N SER A 307 18.99 -11.85 -12.61
CA SER A 307 17.66 -11.29 -12.60
C SER A 307 17.03 -11.21 -14.00
N ILE A 308 17.76 -10.69 -14.97
CA ILE A 308 17.22 -10.57 -16.33
C ILE A 308 16.91 -11.92 -16.94
N LEU A 309 17.76 -12.91 -16.71
CA LEU A 309 17.49 -14.24 -17.27
C LEU A 309 16.33 -14.88 -16.51
N ALA A 310 16.16 -14.47 -15.26
CA ALA A 310 15.07 -14.99 -14.44
C ALA A 310 13.75 -14.61 -15.11
N GLY A 311 13.75 -13.51 -15.85
CA GLY A 311 12.54 -13.08 -16.53
C GLY A 311 12.08 -11.65 -16.28
N LEU A 312 12.78 -10.92 -15.41
CA LEU A 312 12.39 -9.55 -15.12
C LEU A 312 12.52 -8.65 -16.35
N ASP A 313 11.53 -7.78 -16.52
CA ASP A 313 11.45 -6.87 -17.66
C ASP A 313 11.92 -5.44 -17.38
N MET A 314 11.80 -5.01 -16.13
CA MET A 314 12.23 -3.66 -15.76
C MET A 314 12.92 -3.63 -14.40
N ILE A 315 14.01 -2.88 -14.31
CA ILE A 315 14.73 -2.79 -13.06
C ILE A 315 14.65 -1.42 -12.40
N MET A 316 14.33 -1.44 -11.12
CA MET A 316 14.25 -0.25 -10.32
C MET A 316 15.66 -0.12 -9.73
N VAL A 317 16.58 0.47 -10.50
CA VAL A 317 17.98 0.60 -10.11
C VAL A 317 18.24 1.00 -8.66
N PRO A 318 17.84 2.21 -8.23
CA PRO A 318 17.14 3.25 -8.98
C PRO A 318 18.09 4.44 -9.10
N ASN A 319 19.29 4.29 -8.56
CA ASN A 319 20.27 5.36 -8.59
C ASN A 319 21.48 5.18 -9.51
N LYS A 320 22.18 4.05 -9.41
CA LYS A 320 23.34 3.82 -10.25
C LYS A 320 22.91 3.22 -11.59
N TYR A 321 22.28 4.05 -12.42
CA TYR A 321 21.78 3.62 -13.73
C TYR A 321 22.89 3.43 -14.75
N GLN A 322 23.96 4.21 -14.62
CA GLN A 322 25.07 4.13 -15.54
C GLN A 322 25.66 2.74 -15.46
N GLN A 323 25.78 2.25 -14.23
CA GLN A 323 26.31 0.92 -13.99
C GLN A 323 25.38 -0.13 -14.61
N PHE A 324 24.12 -0.08 -14.19
CA PHE A 324 23.11 -1.02 -14.69
C PHE A 324 23.16 -1.12 -16.21
N ILE A 325 23.11 0.02 -16.89
CA ILE A 325 23.13 0.01 -18.34
C ILE A 325 24.46 -0.47 -18.93
N SER A 326 25.58 -0.11 -18.32
CA SER A 326 26.86 -0.57 -18.84
C SER A 326 26.94 -2.08 -18.70
N ILE A 327 26.64 -2.58 -17.50
CA ILE A 327 26.67 -4.00 -17.20
C ILE A 327 25.78 -4.83 -18.12
N LEU A 328 24.55 -4.35 -18.34
CA LEU A 328 23.62 -5.07 -19.19
C LEU A 328 24.03 -4.99 -20.65
N THR A 329 24.55 -3.84 -21.07
CA THR A 329 24.97 -3.67 -22.45
C THR A 329 26.07 -4.70 -22.73
N GLY A 330 26.97 -4.87 -21.77
CA GLY A 330 28.03 -5.83 -21.91
C GLY A 330 27.47 -7.23 -22.12
N HIS A 331 26.72 -7.72 -21.14
CA HIS A 331 26.12 -9.04 -21.21
C HIS A 331 25.41 -9.37 -22.52
N VAL A 332 24.79 -8.37 -23.13
CA VAL A 332 24.13 -8.62 -24.41
C VAL A 332 25.20 -8.68 -25.48
N ASN A 333 26.17 -7.76 -25.39
CA ASN A 333 27.27 -7.71 -26.36
C ASN A 333 28.07 -9.01 -26.29
N GLY A 334 28.03 -9.66 -25.13
CA GLY A 334 28.76 -10.90 -24.95
C GLY A 334 27.96 -12.14 -25.29
N GLY A 335 26.67 -11.98 -25.55
CA GLY A 335 25.83 -13.13 -25.87
C GLY A 335 25.39 -13.89 -24.63
N VAL A 336 25.85 -13.44 -23.46
CA VAL A 336 25.48 -14.07 -22.20
C VAL A 336 23.97 -14.00 -22.03
N ILE A 337 23.41 -12.83 -22.32
CA ILE A 337 21.97 -12.62 -22.26
C ILE A 337 21.52 -12.44 -23.71
N PRO A 338 20.60 -13.30 -24.17
CA PRO A 338 20.07 -13.27 -25.53
C PRO A 338 19.16 -12.09 -25.83
N MET A 339 19.24 -11.58 -27.05
CA MET A 339 18.42 -10.46 -27.47
C MET A 339 16.92 -10.79 -27.35
N SER A 340 16.57 -12.06 -27.53
CA SER A 340 15.17 -12.47 -27.42
C SER A 340 14.64 -12.05 -26.05
N ARG A 341 15.55 -12.06 -25.06
CA ARG A 341 15.24 -11.67 -23.68
C ARG A 341 14.91 -10.20 -23.65
N ILE A 342 15.85 -9.38 -24.14
CA ILE A 342 15.69 -7.94 -24.17
C ILE A 342 14.44 -7.61 -24.99
N ASP A 343 14.32 -8.26 -26.15
CA ASP A 343 13.17 -8.08 -27.04
C ASP A 343 11.88 -8.30 -26.26
N ASP A 344 11.86 -9.37 -25.47
CA ASP A 344 10.69 -9.71 -24.66
C ASP A 344 10.36 -8.64 -23.61
N ALA A 345 11.36 -8.32 -22.79
CA ALA A 345 11.21 -7.31 -21.75
C ALA A 345 10.71 -5.99 -22.32
N VAL A 346 11.25 -5.59 -23.47
CA VAL A 346 10.83 -4.35 -24.08
C VAL A 346 9.41 -4.52 -24.63
N THR A 347 9.17 -5.65 -25.29
CA THR A 347 7.83 -5.92 -25.83
C THR A 347 6.74 -5.72 -24.78
N ARG A 348 7.03 -6.16 -23.56
CA ARG A 348 6.09 -6.05 -22.44
C ARG A 348 5.98 -4.62 -21.95
N ILE A 349 7.12 -3.98 -21.73
CA ILE A 349 7.14 -2.62 -21.26
C ILE A 349 6.38 -1.70 -22.22
N LEU A 350 6.52 -1.95 -23.53
CA LEU A 350 5.83 -1.18 -24.55
C LEU A 350 4.36 -1.50 -24.60
N ARG A 351 4.04 -2.79 -24.65
CA ARG A 351 2.65 -3.21 -24.71
C ARG A 351 1.85 -2.51 -23.63
N VAL A 352 2.43 -2.41 -22.44
CA VAL A 352 1.74 -1.74 -21.35
C VAL A 352 1.55 -0.26 -21.60
N LYS A 353 2.57 0.38 -22.17
CA LYS A 353 2.52 1.81 -22.44
C LYS A 353 1.50 2.21 -23.51
N PHE A 354 1.43 1.43 -24.58
CA PHE A 354 0.48 1.71 -25.65
C PHE A 354 -0.93 1.46 -25.11
N THR A 355 -1.08 0.32 -24.44
CA THR A 355 -2.37 -0.07 -23.87
C THR A 355 -3.00 1.01 -23.01
N MET A 356 -2.19 1.65 -22.15
CA MET A 356 -2.73 2.70 -21.29
C MET A 356 -2.80 4.00 -22.07
N GLY A 357 -2.29 3.95 -23.31
CA GLY A 357 -2.32 5.11 -24.18
C GLY A 357 -1.36 6.21 -23.78
N LEU A 358 -0.24 5.81 -23.18
CA LEU A 358 0.78 6.76 -22.74
C LEU A 358 1.31 7.55 -23.94
N PHE A 359 1.33 6.92 -25.11
CA PHE A 359 1.79 7.57 -26.33
C PHE A 359 0.80 8.60 -26.85
N GLU A 360 -0.44 8.53 -26.37
CA GLU A 360 -1.49 9.46 -26.77
C GLU A 360 -1.66 10.58 -25.73
N ASN A 361 -1.40 10.28 -24.46
CA ASN A 361 -1.53 11.29 -23.41
C ASN A 361 -0.35 11.34 -22.45
N PRO A 362 0.87 11.48 -22.98
CA PRO A 362 2.12 11.54 -22.23
C PRO A 362 2.24 12.66 -21.22
N TYR A 363 1.41 13.70 -21.35
CA TYR A 363 1.47 14.83 -20.42
C TYR A 363 0.27 14.91 -19.49
N ALA A 364 0.40 15.70 -18.43
CA ALA A 364 -0.68 15.85 -17.45
C ALA A 364 -1.91 16.59 -17.95
N ASP A 365 -2.91 16.65 -17.09
CA ASP A 365 -4.17 17.33 -17.37
C ASP A 365 -4.39 18.29 -16.19
N PRO A 366 -4.03 19.57 -16.37
CA PRO A 366 -4.21 20.53 -15.28
C PRO A 366 -5.64 20.57 -14.75
N ALA A 367 -6.57 20.07 -15.55
CA ALA A 367 -7.95 20.05 -15.12
C ALA A 367 -8.05 19.06 -13.95
N MET A 368 -7.24 18.02 -14.01
CA MET A 368 -7.22 16.97 -12.99
C MET A 368 -6.69 17.39 -11.61
N ALA A 369 -6.00 18.52 -11.54
CA ALA A 369 -5.47 18.98 -10.27
C ALA A 369 -6.53 18.90 -9.17
N GLU A 370 -7.65 19.59 -9.38
CA GLU A 370 -8.77 19.63 -8.43
C GLU A 370 -9.06 18.32 -7.71
N GLN A 371 -8.76 17.21 -8.36
CA GLN A 371 -9.03 15.91 -7.78
C GLN A 371 -8.36 15.70 -6.43
N LEU A 372 -7.12 16.15 -6.29
CA LEU A 372 -6.39 15.97 -5.05
C LEU A 372 -7.12 16.43 -3.78
N GLY A 373 -7.35 15.49 -2.87
CA GLY A 373 -8.02 15.82 -1.63
C GLY A 373 -9.49 16.19 -1.74
N LYS A 374 -10.11 15.86 -2.87
CA LYS A 374 -11.53 16.17 -3.10
C LYS A 374 -12.38 15.60 -1.95
N GLN A 375 -13.29 16.42 -1.42
CA GLN A 375 -14.14 16.02 -0.30
C GLN A 375 -14.82 14.68 -0.50
N GLU A 376 -15.33 14.44 -1.71
CA GLU A 376 -16.00 13.18 -1.98
C GLU A 376 -15.09 12.00 -1.68
N HIS A 377 -13.80 12.18 -1.90
CA HIS A 377 -12.82 11.13 -1.64
C HIS A 377 -12.64 10.98 -0.14
N ARG A 378 -12.57 12.11 0.56
CA ARG A 378 -12.41 12.09 2.00
C ARG A 378 -13.63 11.43 2.63
N ASP A 379 -14.80 11.67 2.05
CA ASP A 379 -16.01 11.03 2.56
C ASP A 379 -15.83 9.53 2.38
N LEU A 380 -15.40 9.13 1.19
CA LEU A 380 -15.16 7.73 0.89
C LEU A 380 -14.22 7.11 1.93
N ALA A 381 -13.13 7.80 2.22
CA ALA A 381 -12.15 7.34 3.17
C ALA A 381 -12.82 7.27 4.53
N ARG A 382 -13.53 8.33 4.88
CA ARG A 382 -14.24 8.38 6.14
C ARG A 382 -15.12 7.14 6.31
N GLU A 383 -15.86 6.80 5.25
CA GLU A 383 -16.73 5.64 5.26
C GLU A 383 -15.92 4.38 5.57
N ALA A 384 -14.84 4.18 4.80
CA ALA A 384 -13.99 3.01 4.98
C ALA A 384 -13.33 2.98 6.36
N ALA A 385 -13.09 4.16 6.92
CA ALA A 385 -12.49 4.25 8.24
C ALA A 385 -13.47 3.64 9.24
N ARG A 386 -14.70 4.12 9.18
CA ARG A 386 -15.76 3.65 10.04
C ARG A 386 -15.94 2.13 9.88
N LYS A 387 -16.16 1.70 8.63
CA LYS A 387 -16.37 0.29 8.30
C LYS A 387 -15.22 -0.67 8.65
N SER A 388 -14.02 -0.13 8.88
CA SER A 388 -12.87 -0.98 9.19
C SER A 388 -12.63 -1.17 10.68
N LEU A 389 -13.29 -0.35 11.51
CA LEU A 389 -13.14 -0.45 12.96
C LEU A 389 -13.74 -1.76 13.41
N VAL A 390 -13.04 -2.45 14.30
CA VAL A 390 -13.55 -3.72 14.82
C VAL A 390 -13.66 -3.63 16.34
N LEU A 391 -14.90 -3.70 16.82
CA LEU A 391 -15.19 -3.63 18.24
C LEU A 391 -14.77 -4.93 18.90
N LEU A 392 -13.89 -4.85 19.88
CA LEU A 392 -13.44 -6.04 20.58
C LEU A 392 -14.17 -6.21 21.89
N LYS A 393 -14.40 -5.09 22.56
CA LYS A 393 -15.07 -5.08 23.87
C LYS A 393 -15.98 -3.85 23.98
N ASN A 394 -17.07 -4.01 24.73
CA ASN A 394 -18.04 -2.94 24.92
C ASN A 394 -18.88 -3.17 26.19
N GLY A 395 -18.20 -3.19 27.33
CA GLY A 395 -18.84 -3.42 28.61
C GLY A 395 -17.91 -4.31 29.39
N LYS A 396 -17.41 -3.80 30.52
CA LYS A 396 -16.48 -4.57 31.35
C LYS A 396 -17.00 -5.95 31.74
N THR A 397 -18.32 -6.07 31.86
CA THR A 397 -18.94 -7.35 32.23
C THR A 397 -20.24 -7.53 31.46
N SER A 398 -20.67 -8.78 31.34
CA SER A 398 -21.90 -9.14 30.63
C SER A 398 -23.11 -8.31 31.04
N THR A 399 -23.13 -7.90 32.30
CA THR A 399 -24.24 -7.15 32.86
C THR A 399 -24.15 -5.63 32.73
N ASP A 400 -22.95 -5.13 32.45
CA ASP A 400 -22.76 -3.68 32.31
C ASP A 400 -23.60 -3.10 31.17
N ALA A 401 -23.90 -1.81 31.27
CA ALA A 401 -24.66 -1.13 30.24
C ALA A 401 -23.66 -0.96 29.12
N PRO A 402 -24.06 -1.21 27.87
CA PRO A 402 -23.11 -1.06 26.78
C PRO A 402 -22.63 0.38 26.71
N LEU A 403 -21.33 0.59 26.85
CA LEU A 403 -20.77 1.93 26.79
C LEU A 403 -21.05 2.63 25.46
N LEU A 404 -20.79 1.94 24.35
CA LEU A 404 -21.01 2.52 23.02
C LEU A 404 -22.41 2.14 22.52
N PRO A 405 -23.09 3.06 21.81
CA PRO A 405 -22.68 4.41 21.43
C PRO A 405 -22.73 5.42 22.56
N LEU A 406 -21.73 6.28 22.61
CA LEU A 406 -21.65 7.33 23.61
C LEU A 406 -22.59 8.48 23.24
N PRO A 407 -23.16 9.15 24.25
CA PRO A 407 -24.08 10.27 23.97
C PRO A 407 -23.31 11.50 23.47
N LYS A 408 -23.90 12.24 22.55
CA LYS A 408 -23.25 13.43 22.02
C LYS A 408 -23.43 14.61 22.97
N LYS A 409 -24.36 14.48 23.92
CA LYS A 409 -24.58 15.55 24.88
C LYS A 409 -24.18 15.09 26.28
N ALA A 410 -23.21 15.80 26.86
CA ALA A 410 -22.71 15.51 28.21
C ALA A 410 -22.10 16.79 28.75
N PRO A 411 -22.15 16.97 30.07
CA PRO A 411 -21.60 18.15 30.74
C PRO A 411 -20.15 18.42 30.36
N LYS A 412 -19.31 17.43 30.62
CA LYS A 412 -17.88 17.55 30.32
C LYS A 412 -17.34 16.16 29.98
N ILE A 413 -16.56 16.06 28.91
CA ILE A 413 -15.98 14.79 28.53
C ILE A 413 -14.47 14.92 28.33
N LEU A 414 -13.79 13.79 28.32
CA LEU A 414 -12.34 13.77 28.16
C LEU A 414 -11.79 12.92 27.01
N VAL A 415 -10.96 13.54 26.18
CA VAL A 415 -10.30 12.85 25.07
C VAL A 415 -8.82 12.89 25.45
N ALA A 416 -8.16 11.73 25.42
CA ALA A 416 -6.77 11.69 25.81
C ALA A 416 -6.03 10.58 25.09
N GLY A 417 -4.71 10.57 25.26
CA GLY A 417 -3.89 9.55 24.63
C GLY A 417 -2.87 10.09 23.65
N SER A 418 -1.83 9.30 23.40
CA SER A 418 -0.77 9.69 22.48
C SER A 418 -1.23 9.78 21.03
N HIS A 419 -2.23 8.98 20.66
CA HIS A 419 -2.73 8.97 19.30
C HIS A 419 -4.01 9.77 19.10
N ALA A 420 -4.51 10.33 20.20
CA ALA A 420 -5.74 11.12 20.17
C ALA A 420 -5.72 12.26 19.15
N ASP A 421 -4.69 13.10 19.22
CA ASP A 421 -4.54 14.23 18.31
C ASP A 421 -3.21 14.16 17.58
N ASN A 422 -3.03 13.11 16.78
CA ASN A 422 -1.78 12.93 16.04
C ASN A 422 -2.00 12.35 14.63
N LEU A 423 -2.29 13.23 13.68
CA LEU A 423 -2.57 12.83 12.31
C LEU A 423 -1.57 11.84 11.75
N GLY A 424 -0.29 12.11 11.96
CA GLY A 424 0.74 11.21 11.47
C GLY A 424 0.51 9.80 11.97
N TYR A 425 0.21 9.67 13.26
CA TYR A 425 -0.04 8.37 13.88
C TYR A 425 -1.24 7.62 13.32
N GLN A 426 -2.41 8.26 13.28
CA GLN A 426 -3.58 7.56 12.74
C GLN A 426 -3.41 7.21 11.25
N CYS A 427 -2.39 7.79 10.61
CA CYS A 427 -2.12 7.50 9.20
C CYS A 427 -1.14 6.35 9.06
N GLY A 428 -0.17 6.31 9.96
CA GLY A 428 0.82 5.25 9.94
C GLY A 428 1.84 5.34 8.82
N GLY A 429 2.55 4.24 8.59
CA GLY A 429 3.57 4.18 7.56
C GLY A 429 3.10 4.59 6.18
N TRP A 430 4.07 4.93 5.33
CA TRP A 430 3.80 5.36 3.95
C TRP A 430 2.89 6.57 3.88
N THR A 431 3.18 7.60 4.67
CA THR A 431 2.37 8.81 4.67
C THR A 431 3.28 10.05 4.67
N ILE A 432 3.36 10.71 3.51
CA ILE A 432 4.20 11.90 3.31
C ILE A 432 5.64 11.41 3.28
N GLU A 433 6.05 10.74 4.36
CA GLU A 433 7.38 10.19 4.46
C GLU A 433 7.32 8.69 4.23
N TRP A 434 8.43 8.11 3.82
CA TRP A 434 8.47 6.67 3.59
C TRP A 434 8.08 5.93 4.88
N GLN A 435 8.72 6.33 5.97
CA GLN A 435 8.48 5.71 7.26
C GLN A 435 7.26 6.28 7.96
N GLY A 436 6.60 7.23 7.33
CA GLY A 436 5.46 7.86 7.95
C GLY A 436 6.04 8.86 8.91
N ASP A 437 5.20 9.67 9.56
CA ASP A 437 5.73 10.67 10.47
C ASP A 437 4.77 10.93 11.62
N THR A 438 5.12 11.86 12.49
CA THR A 438 4.30 12.21 13.64
C THR A 438 3.83 13.66 13.53
N GLY A 439 2.63 13.95 14.00
CA GLY A 439 2.15 15.32 13.96
C GLY A 439 1.32 15.67 12.75
N ARG A 440 1.09 16.97 12.57
CA ARG A 440 0.27 17.47 11.45
C ARG A 440 1.09 17.49 10.16
N THR A 441 1.21 16.33 9.53
CA THR A 441 1.98 16.20 8.30
C THR A 441 1.21 16.45 7.01
N THR A 442 -0.10 16.62 7.12
CA THR A 442 -0.93 16.84 5.94
C THR A 442 -2.34 17.29 6.33
N VAL A 443 -3.20 17.47 5.34
CA VAL A 443 -4.58 17.88 5.57
C VAL A 443 -5.41 16.72 6.10
N GLY A 444 -5.99 16.88 7.28
CA GLY A 444 -6.78 15.81 7.85
C GLY A 444 -7.53 16.17 9.13
N THR A 445 -8.07 15.16 9.79
CA THR A 445 -8.84 15.36 11.01
C THR A 445 -8.46 14.32 12.05
N THR A 446 -7.77 14.73 13.12
CA THR A 446 -7.38 13.78 14.15
C THR A 446 -8.62 13.34 14.91
N ILE A 447 -8.47 12.33 15.76
CA ILE A 447 -9.59 11.85 16.54
C ILE A 447 -10.21 12.99 17.37
N LEU A 448 -9.35 13.75 18.06
CA LEU A 448 -9.82 14.86 18.89
C LEU A 448 -10.67 15.81 18.06
N GLU A 449 -10.12 16.25 16.93
CA GLU A 449 -10.82 17.14 16.03
C GLU A 449 -12.21 16.60 15.67
N ALA A 450 -12.27 15.31 15.32
CA ALA A 450 -13.56 14.71 14.97
C ALA A 450 -14.51 14.87 16.14
N VAL A 451 -14.06 14.50 17.33
CA VAL A 451 -14.86 14.60 18.53
C VAL A 451 -15.43 15.99 18.78
N LYS A 452 -14.56 17.01 18.72
CA LYS A 452 -14.97 18.38 18.94
C LYS A 452 -15.97 18.81 17.88
N ALA A 453 -15.93 18.11 16.75
CA ALA A 453 -16.81 18.40 15.63
C ALA A 453 -18.00 17.46 15.56
N ALA A 454 -18.25 16.73 16.65
CA ALA A 454 -19.36 15.79 16.63
C ALA A 454 -20.29 15.97 17.82
N VAL A 455 -19.72 16.28 18.98
CA VAL A 455 -20.51 16.47 20.19
C VAL A 455 -21.37 17.71 20.15
N ASP A 456 -22.36 17.74 21.04
CA ASP A 456 -23.30 18.85 21.17
C ASP A 456 -22.56 20.12 21.61
N PRO A 457 -22.96 21.28 21.07
CA PRO A 457 -22.29 22.54 21.44
C PRO A 457 -22.13 22.76 22.93
N SER A 458 -22.91 22.04 23.73
CA SER A 458 -22.86 22.21 25.18
C SER A 458 -22.02 21.13 25.85
N THR A 459 -21.24 20.42 25.05
CA THR A 459 -20.38 19.37 25.57
C THR A 459 -18.97 19.91 25.66
N VAL A 460 -18.46 20.07 26.87
CA VAL A 460 -17.12 20.58 27.04
C VAL A 460 -16.15 19.43 26.82
N VAL A 461 -15.28 19.59 25.82
CA VAL A 461 -14.29 18.58 25.49
C VAL A 461 -12.95 19.02 26.02
N VAL A 462 -12.38 18.24 26.93
CA VAL A 462 -11.11 18.58 27.51
C VAL A 462 -10.04 17.63 27.00
N PHE A 463 -8.95 18.19 26.50
CA PHE A 463 -7.87 17.37 25.98
C PHE A 463 -6.70 17.26 26.96
N ALA A 464 -6.17 16.05 27.09
CA ALA A 464 -5.03 15.79 27.97
C ALA A 464 -4.30 14.58 27.41
N GLU A 465 -3.26 14.82 26.62
CA GLU A 465 -2.49 13.77 25.98
C GLU A 465 -2.19 12.59 26.90
N ASN A 466 -1.73 12.90 28.10
CA ASN A 466 -1.41 11.85 29.06
C ASN A 466 -1.60 12.30 30.50
N PRO A 467 -2.85 12.36 30.97
CA PRO A 467 -3.14 12.78 32.33
C PRO A 467 -2.91 11.66 33.33
N ASP A 468 -2.89 12.01 34.61
CA ASP A 468 -2.70 11.03 35.68
C ASP A 468 -4.05 10.67 36.30
N ALA A 469 -4.09 9.64 37.13
CA ALA A 469 -5.33 9.21 37.76
C ALA A 469 -6.03 10.38 38.45
N GLU A 470 -5.29 11.09 39.28
CA GLU A 470 -5.79 12.25 40.03
C GLU A 470 -6.59 13.23 39.16
N PHE A 471 -6.02 13.59 38.01
CA PHE A 471 -6.65 14.54 37.10
C PHE A 471 -8.00 14.06 36.57
N VAL A 472 -8.06 12.78 36.22
CA VAL A 472 -9.29 12.19 35.69
C VAL A 472 -10.41 12.10 36.71
N LYS A 473 -10.12 11.55 37.90
CA LYS A 473 -11.15 11.40 38.94
C LYS A 473 -11.70 12.72 39.45
N SER A 474 -10.94 13.80 39.27
CA SER A 474 -11.37 15.12 39.71
C SER A 474 -11.93 15.97 38.57
N GLY A 475 -11.80 15.47 37.35
CA GLY A 475 -12.27 16.19 36.18
C GLY A 475 -13.76 16.45 36.04
N GLY A 476 -14.59 15.59 36.63
CA GLY A 476 -16.02 15.77 36.52
C GLY A 476 -16.48 15.37 35.13
N PHE A 477 -15.82 14.34 34.59
CA PHE A 477 -16.12 13.83 33.25
C PHE A 477 -17.25 12.82 33.25
N SER A 478 -17.99 12.77 32.14
CA SER A 478 -19.09 11.82 32.01
C SER A 478 -18.53 10.51 31.45
N TYR A 479 -17.43 10.65 30.70
CA TYR A 479 -16.73 9.52 30.09
C TYR A 479 -15.48 10.04 29.39
N ALA A 480 -14.60 9.14 29.00
CA ALA A 480 -13.37 9.55 28.31
C ALA A 480 -13.05 8.66 27.12
N ILE A 481 -12.36 9.25 26.16
CA ILE A 481 -11.94 8.51 24.97
C ILE A 481 -10.43 8.60 24.87
N VAL A 482 -9.76 7.45 24.99
CA VAL A 482 -8.31 7.40 24.89
C VAL A 482 -7.88 6.63 23.66
N ALA A 483 -6.95 7.22 22.94
CA ALA A 483 -6.41 6.58 21.74
C ALA A 483 -4.92 6.38 21.98
N VAL A 484 -4.44 5.17 21.73
CA VAL A 484 -3.02 4.84 21.85
C VAL A 484 -2.68 3.74 20.87
N GLY A 485 -1.40 3.41 20.75
CA GLY A 485 -1.01 2.36 19.83
C GLY A 485 0.41 2.45 19.28
N GLU A 486 0.61 1.81 18.13
CA GLU A 486 1.92 1.79 17.50
C GLU A 486 2.30 3.13 16.89
N HIS A 487 3.54 3.22 16.44
CA HIS A 487 4.02 4.44 15.80
C HIS A 487 4.26 4.12 14.32
N PRO A 488 4.13 5.13 13.46
CA PRO A 488 4.33 4.90 12.03
C PRO A 488 5.60 4.10 11.74
N TYR A 489 5.49 3.09 10.90
CA TYR A 489 6.65 2.29 10.52
C TYR A 489 6.46 1.75 9.10
N THR A 490 7.55 1.29 8.50
CA THR A 490 7.48 0.78 7.13
C THR A 490 8.55 -0.28 6.85
N GLU A 491 8.13 -1.43 6.38
CA GLU A 491 9.07 -2.51 6.08
C GLU A 491 9.92 -2.88 7.31
N THR A 492 11.13 -3.37 7.06
CA THR A 492 12.02 -3.80 8.13
C THR A 492 12.00 -2.95 9.39
N LYS A 493 12.00 -1.63 9.23
CA LYS A 493 12.01 -0.74 10.39
C LYS A 493 10.82 -1.01 11.32
N GLY A 494 9.90 -1.86 10.87
CA GLY A 494 8.72 -2.18 11.66
C GLY A 494 8.62 -3.60 12.18
N ASP A 495 9.54 -4.48 11.80
CA ASP A 495 9.49 -5.85 12.32
C ASP A 495 9.50 -5.75 13.85
N ASN A 496 8.62 -6.47 14.50
CA ASN A 496 8.55 -6.42 15.95
C ASN A 496 8.35 -7.79 16.58
N LEU A 497 9.28 -8.17 17.45
CA LEU A 497 9.20 -9.47 18.11
C LEU A 497 8.43 -9.50 19.41
N ASN A 498 8.29 -8.36 20.08
CA ASN A 498 7.56 -8.28 21.35
C ASN A 498 6.10 -7.85 21.18
N LEU A 499 5.81 -7.20 20.05
CA LEU A 499 4.47 -6.70 19.70
C LEU A 499 3.60 -6.04 20.77
N THR A 500 4.23 -5.30 21.68
CA THR A 500 3.49 -4.58 22.71
C THR A 500 3.67 -3.11 22.39
N ILE A 501 2.60 -2.33 22.50
CA ILE A 501 2.69 -0.92 22.16
C ILE A 501 3.71 -0.14 22.99
N PRO A 502 4.17 1.00 22.46
CA PRO A 502 5.15 1.85 23.14
C PRO A 502 4.49 2.57 24.29
N GLU A 503 5.29 2.96 25.28
CA GLU A 503 4.75 3.70 26.40
C GLU A 503 5.14 5.17 26.27
N PRO A 504 4.34 6.07 26.86
CA PRO A 504 3.14 5.66 27.59
C PRO A 504 1.96 5.33 26.68
N GLY A 505 1.09 4.45 27.16
CA GLY A 505 -0.09 4.05 26.43
C GLY A 505 -0.99 3.34 27.41
N LEU A 506 -0.52 2.18 27.87
CA LEU A 506 -1.24 1.37 28.83
C LEU A 506 -1.37 2.17 30.12
N SER A 507 -0.29 2.84 30.50
CA SER A 507 -0.28 3.65 31.72
C SER A 507 -1.39 4.69 31.64
N THR A 508 -1.57 5.24 30.45
CA THR A 508 -2.57 6.27 30.21
C THR A 508 -3.98 5.69 30.19
N VAL A 509 -4.15 4.55 29.53
CA VAL A 509 -5.46 3.90 29.46
C VAL A 509 -5.87 3.50 30.87
N GLN A 510 -4.92 2.97 31.62
CA GLN A 510 -5.20 2.55 32.98
C GLN A 510 -5.49 3.72 33.89
N ALA A 511 -4.77 4.83 33.68
CA ALA A 511 -4.95 6.01 34.51
C ALA A 511 -6.30 6.69 34.23
N VAL A 512 -6.69 6.74 32.96
CA VAL A 512 -7.95 7.36 32.56
C VAL A 512 -9.17 6.50 32.88
N CYS A 513 -9.13 5.23 32.48
CA CYS A 513 -10.25 4.31 32.70
C CYS A 513 -10.50 4.00 34.17
N GLY A 514 -9.46 4.17 34.99
CA GLY A 514 -9.61 3.91 36.40
C GLY A 514 -10.27 5.09 37.09
N GLY A 515 -10.41 6.19 36.35
CA GLY A 515 -11.02 7.39 36.89
C GLY A 515 -12.42 7.64 36.36
N VAL A 516 -12.69 7.17 35.15
CA VAL A 516 -14.00 7.35 34.53
C VAL A 516 -14.24 6.27 33.46
N ARG A 517 -15.51 5.94 33.22
CA ARG A 517 -15.82 4.93 32.21
C ARG A 517 -15.17 5.38 30.90
N CYS A 518 -14.51 4.46 30.21
CA CYS A 518 -13.78 4.81 29.00
C CYS A 518 -14.03 3.95 27.77
N ALA A 519 -13.66 4.52 26.63
CA ALA A 519 -13.74 3.85 25.35
C ALA A 519 -12.32 4.01 24.80
N THR A 520 -11.63 2.89 24.61
CA THR A 520 -10.27 2.90 24.14
C THR A 520 -10.10 2.60 22.67
N VAL A 521 -9.48 3.53 21.96
CA VAL A 521 -9.24 3.35 20.55
C VAL A 521 -7.80 2.94 20.36
N LEU A 522 -7.61 1.74 19.81
CA LEU A 522 -6.28 1.20 19.57
C LEU A 522 -5.82 1.41 18.13
N ILE A 523 -4.78 2.22 17.99
CA ILE A 523 -4.20 2.55 16.70
C ILE A 523 -2.99 1.65 16.46
N SER A 524 -3.10 0.72 15.52
CA SER A 524 -2.01 -0.18 15.20
C SER A 524 -2.16 -0.81 13.82
N GLY A 525 -1.05 -1.21 13.21
CA GLY A 525 -1.11 -1.82 11.91
C GLY A 525 -1.22 -3.33 11.99
N ARG A 526 -1.47 -3.86 13.18
CA ARG A 526 -1.56 -5.29 13.36
C ARG A 526 -2.01 -5.63 14.78
N PRO A 527 -2.34 -6.91 15.03
CA PRO A 527 -2.77 -7.36 16.36
C PRO A 527 -1.55 -7.24 17.27
N VAL A 528 -1.77 -6.84 18.52
CA VAL A 528 -0.69 -6.68 19.46
C VAL A 528 -1.16 -7.12 20.83
N VAL A 529 -0.24 -7.35 21.76
CA VAL A 529 -0.63 -7.76 23.09
C VAL A 529 -1.69 -6.78 23.56
N VAL A 530 -2.90 -7.30 23.80
CA VAL A 530 -4.02 -6.45 24.17
C VAL A 530 -4.74 -6.74 25.50
N GLN A 531 -4.45 -7.86 26.15
CA GLN A 531 -5.12 -8.19 27.41
C GLN A 531 -5.11 -7.07 28.44
N PRO A 532 -3.92 -6.49 28.72
CA PRO A 532 -3.82 -5.40 29.70
C PRO A 532 -4.77 -4.26 29.39
N LEU A 533 -4.81 -3.86 28.12
CA LEU A 533 -5.69 -2.79 27.66
C LEU A 533 -7.15 -3.18 27.84
N LEU A 534 -7.50 -4.34 27.28
CA LEU A 534 -8.86 -4.83 27.37
C LEU A 534 -9.32 -4.92 28.84
N ALA A 535 -8.38 -5.25 29.71
CA ALA A 535 -8.68 -5.38 31.13
C ALA A 535 -9.06 -4.07 31.81
N ALA A 536 -8.37 -3.00 31.45
CA ALA A 536 -8.61 -1.69 32.04
C ALA A 536 -9.70 -0.86 31.36
N SER A 537 -10.15 -1.31 30.18
CA SER A 537 -11.14 -0.58 29.42
C SER A 537 -12.57 -1.13 29.48
N ASP A 538 -13.57 -0.24 29.32
CA ASP A 538 -14.97 -0.68 29.31
C ASP A 538 -15.29 -1.12 27.90
N ALA A 539 -14.78 -0.37 26.93
CA ALA A 539 -14.97 -0.68 25.53
C ALA A 539 -13.64 -0.46 24.83
N LEU A 540 -13.33 -1.30 23.85
CA LEU A 540 -12.07 -1.14 23.15
C LEU A 540 -12.25 -1.38 21.67
N VAL A 541 -11.77 -0.44 20.87
CA VAL A 541 -11.90 -0.53 19.43
C VAL A 541 -10.56 -0.64 18.71
N ALA A 542 -10.48 -1.59 17.78
CA ALA A 542 -9.28 -1.78 16.97
C ALA A 542 -9.49 -0.99 15.69
N ALA A 543 -8.86 0.18 15.58
CA ALA A 543 -9.02 1.02 14.41
C ALA A 543 -7.88 0.87 13.41
N TRP A 544 -6.93 -0.02 13.70
CA TRP A 544 -5.80 -0.25 12.82
C TRP A 544 -5.12 1.08 12.51
N LEU A 545 -5.07 1.45 11.24
CA LEU A 545 -4.48 2.71 10.78
C LEU A 545 -5.51 3.37 9.87
N PRO A 546 -6.52 4.04 10.47
CA PRO A 546 -7.61 4.72 9.77
C PRO A 546 -7.28 5.73 8.65
N GLY A 547 -6.21 6.50 8.82
CA GLY A 547 -5.89 7.46 7.79
C GLY A 547 -6.21 8.88 8.23
N SER A 548 -6.42 9.76 7.26
CA SER A 548 -6.66 11.17 7.55
C SER A 548 -8.05 11.63 8.03
N GLU A 549 -9.07 10.81 7.86
CA GLU A 549 -10.43 11.23 8.25
C GLU A 549 -10.93 10.71 9.60
N GLY A 550 -10.33 11.21 10.68
CA GLY A 550 -10.69 10.80 12.03
C GLY A 550 -12.17 10.64 12.32
N GLN A 551 -12.99 11.43 11.63
CA GLN A 551 -14.43 11.35 11.82
C GLN A 551 -14.93 9.92 11.61
N GLY A 552 -14.22 9.16 10.79
CA GLY A 552 -14.61 7.79 10.57
C GLY A 552 -14.72 7.05 11.89
N VAL A 553 -13.85 7.43 12.84
CA VAL A 553 -13.82 6.82 14.16
C VAL A 553 -14.99 7.25 15.02
N THR A 554 -15.17 8.55 15.13
CA THR A 554 -16.25 9.12 15.92
C THR A 554 -17.61 8.77 15.37
N ASP A 555 -17.69 8.51 14.08
CA ASP A 555 -18.97 8.16 13.48
C ASP A 555 -19.51 6.90 14.15
N ALA A 556 -18.60 6.00 14.50
CA ALA A 556 -18.98 4.75 15.15
C ALA A 556 -19.15 4.95 16.65
N LEU A 557 -18.20 5.64 17.27
CA LEU A 557 -18.25 5.90 18.70
C LEU A 557 -19.57 6.53 19.16
N PHE A 558 -20.12 7.44 18.35
CA PHE A 558 -21.36 8.10 18.71
C PHE A 558 -22.64 7.56 18.06
N GLY A 559 -22.53 6.35 17.53
CA GLY A 559 -23.69 5.71 16.94
C GLY A 559 -24.34 6.23 15.67
N ASP A 560 -23.73 7.18 14.97
CA ASP A 560 -24.35 7.63 13.72
C ASP A 560 -24.46 6.37 12.83
N PHE A 561 -23.51 5.45 13.05
CA PHE A 561 -23.47 4.18 12.33
C PHE A 561 -23.00 3.14 13.34
N GLY A 562 -23.37 1.88 13.14
CA GLY A 562 -22.97 0.83 14.06
C GLY A 562 -21.77 0.02 13.60
N PHE A 563 -21.01 -0.50 14.54
CA PHE A 563 -19.83 -1.29 14.20
C PHE A 563 -20.20 -2.52 13.40
N THR A 564 -19.53 -2.72 12.27
CA THR A 564 -19.82 -3.87 11.42
C THR A 564 -18.53 -4.64 11.10
N GLY A 565 -17.40 -3.96 11.24
CA GLY A 565 -16.12 -4.57 10.93
C GLY A 565 -15.73 -5.80 11.73
N ARG A 566 -15.06 -6.74 11.07
CA ARG A 566 -14.65 -7.98 11.72
C ARG A 566 -13.17 -8.30 11.45
N LEU A 567 -12.49 -8.76 12.50
CA LEU A 567 -11.08 -9.10 12.43
C LEU A 567 -10.63 -9.77 11.15
N PRO A 568 -9.71 -9.13 10.41
CA PRO A 568 -9.24 -9.75 9.17
C PRO A 568 -8.09 -10.72 9.50
N ARG A 569 -7.52 -10.56 10.70
CA ARG A 569 -6.43 -11.40 11.19
C ARG A 569 -6.83 -12.14 12.47
N THR A 570 -5.96 -13.03 12.90
CA THR A 570 -6.17 -13.77 14.13
C THR A 570 -5.47 -12.99 15.24
N TRP A 571 -6.17 -12.73 16.34
CA TRP A 571 -5.55 -12.01 17.44
C TRP A 571 -4.98 -13.00 18.45
N PHE A 572 -3.67 -12.98 18.59
CA PHE A 572 -2.95 -13.87 19.50
C PHE A 572 -3.04 -13.51 20.98
N LYS A 573 -2.67 -14.46 21.83
CA LYS A 573 -2.67 -14.23 23.26
C LYS A 573 -1.28 -13.74 23.63
N SER A 574 -0.27 -14.44 23.12
CA SER A 574 1.13 -14.09 23.35
C SER A 574 1.87 -14.26 22.03
N VAL A 575 2.96 -13.52 21.87
CA VAL A 575 3.72 -13.59 20.63
C VAL A 575 4.50 -14.89 20.44
N ASP A 576 4.54 -15.73 21.47
CA ASP A 576 5.26 -16.99 21.34
C ASP A 576 4.39 -18.06 20.69
N GLN A 577 3.12 -17.76 20.48
CA GLN A 577 2.25 -18.72 19.81
C GLN A 577 2.53 -18.67 18.31
N LEU A 578 2.93 -17.49 17.86
CA LEU A 578 3.22 -17.20 16.46
C LEU A 578 4.33 -18.01 15.82
N PRO A 579 4.14 -18.43 14.57
CA PRO A 579 2.92 -18.12 13.81
C PRO A 579 1.70 -18.97 14.18
N MET A 580 0.52 -18.34 14.13
CA MET A 580 -0.73 -19.01 14.45
C MET A 580 -1.86 -18.46 13.57
N ASN A 581 -2.37 -19.28 12.66
CA ASN A 581 -3.43 -18.84 11.76
C ASN A 581 -4.62 -19.79 11.69
N VAL A 582 -5.77 -19.25 11.31
CA VAL A 582 -7.00 -20.06 11.18
C VAL A 582 -6.65 -21.30 10.37
N GLY A 583 -6.97 -22.47 10.91
CA GLY A 583 -6.68 -23.71 10.19
C GLY A 583 -5.55 -24.51 10.82
N ASP A 584 -4.77 -23.88 11.69
CA ASP A 584 -3.67 -24.57 12.34
C ASP A 584 -4.22 -25.48 13.43
N ALA A 585 -3.41 -26.44 13.86
CA ALA A 585 -3.82 -27.36 14.90
C ALA A 585 -3.89 -26.65 16.25
N HIS A 586 -2.74 -26.15 16.70
CA HIS A 586 -2.67 -25.45 17.97
C HIS A 586 -3.40 -24.10 17.95
N TYR A 587 -4.31 -23.91 17.00
CA TYR A 587 -5.04 -22.65 16.91
C TYR A 587 -5.75 -22.29 18.22
N ASP A 588 -5.06 -21.51 19.06
CA ASP A 588 -5.60 -21.06 20.34
C ASP A 588 -5.61 -19.54 20.37
N PRO A 589 -6.51 -18.92 19.59
CA PRO A 589 -6.58 -17.47 19.55
C PRO A 589 -7.15 -16.80 20.79
N LEU A 590 -7.06 -15.47 20.80
CA LEU A 590 -7.58 -14.65 21.88
C LEU A 590 -8.82 -14.00 21.26
N PHE A 591 -8.85 -14.05 19.92
CA PHE A 591 -9.93 -13.54 19.08
C PHE A 591 -9.70 -14.14 17.71
N ARG A 592 -10.61 -15.00 17.27
CA ARG A 592 -10.46 -15.65 15.97
C ARG A 592 -10.72 -14.67 14.84
N LEU A 593 -10.38 -15.10 13.63
CA LEU A 593 -10.64 -14.29 12.45
C LEU A 593 -12.16 -14.19 12.43
N GLY A 594 -12.69 -13.08 11.94
CA GLY A 594 -14.14 -12.94 11.90
C GLY A 594 -14.76 -12.36 13.16
N TYR A 595 -14.00 -12.30 14.24
CA TYR A 595 -14.54 -11.75 15.48
C TYR A 595 -14.78 -10.24 15.37
N GLY A 596 -15.94 -9.82 15.84
CA GLY A 596 -16.27 -8.41 15.80
C GLY A 596 -17.61 -8.14 16.45
N LEU A 597 -17.59 -7.41 17.57
CA LEU A 597 -18.80 -7.06 18.27
C LEU A 597 -19.47 -5.97 17.43
N THR A 598 -20.79 -5.79 17.59
CA THR A 598 -21.50 -4.77 16.81
C THR A 598 -22.42 -3.87 17.63
N THR A 599 -22.97 -2.85 16.98
CA THR A 599 -23.90 -1.91 17.60
C THR A 599 -24.81 -1.35 16.50
N ASN A 600 -25.80 -0.57 16.88
CA ASN A 600 -26.73 0.02 15.92
C ASN A 600 -26.79 1.53 15.95
N ALA A 601 -27.12 2.11 14.81
CA ALA A 601 -27.16 3.54 14.60
C ALA A 601 -28.15 4.41 15.38
N THR A 602 -28.32 5.63 14.83
CA THR A 602 -29.20 6.71 15.32
C THR A 602 -29.66 6.63 16.77
C1 NAG B . 9.53 -4.07 20.86
C2 NAG B . 10.06 -3.08 21.92
C3 NAG B . 10.17 -1.68 21.32
C4 NAG B . 10.96 -1.69 20.00
C5 NAG B . 10.44 -2.80 19.05
C6 NAG B . 11.30 -2.96 17.81
C7 NAG B . 9.44 -3.72 24.17
C8 NAG B . 8.42 -3.64 25.29
N2 NAG B . 9.14 -3.06 23.05
O3 NAG B . 10.82 -0.80 22.26
O4 NAG B . 10.83 -0.41 19.35
O5 NAG B . 10.42 -4.06 19.73
O6 NAG B . 11.77 -4.30 17.67
O7 NAG B . 10.48 -4.37 24.32
C1 NAG B . 11.99 0.22 18.89
C2 NAG B . 11.60 1.55 18.22
C3 NAG B . 12.87 2.26 17.72
C4 NAG B . 13.81 2.48 18.92
C5 NAG B . 14.08 1.15 19.66
C6 NAG B . 14.84 1.38 20.95
C7 NAG B . 10.76 1.55 15.89
C8 NAG B . 9.54 1.28 15.00
N2 NAG B . 10.57 1.34 17.19
O3 NAG B . 12.50 3.51 17.17
O4 NAG B . 15.08 3.10 18.57
O5 NAG B . 12.83 0.50 20.02
O6 NAG B . 15.24 0.15 21.56
O7 NAG B . 11.81 1.93 15.38
C1 MAN B . 15.27 3.73 17.34
C2 MAN B . 16.75 4.07 17.16
C3 MAN B . 17.20 5.17 18.15
C4 MAN B . 16.26 6.38 18.09
C5 MAN B . 14.83 5.89 18.31
C6 MAN B . 13.75 6.96 18.30
O2 MAN B . 17.00 4.47 15.82
O3 MAN B . 18.53 5.58 17.86
O4 MAN B . 16.61 7.32 19.09
O5 MAN B . 14.47 4.93 17.30
O6 MAN B . 12.47 6.32 18.43
C1 MAN B . 11.36 7.18 18.26
C2 MAN B . 10.07 6.40 18.61
C3 MAN B . 9.81 5.33 17.55
C4 MAN B . 9.73 5.96 16.16
C5 MAN B . 11.03 6.74 15.89
C6 MAN B . 10.97 7.49 14.57
O2 MAN B . 8.95 7.32 18.70
O3 MAN B . 8.60 4.63 17.83
O4 MAN B . 9.56 4.97 15.18
O5 MAN B . 11.26 7.72 16.93
O6 MAN B . 11.91 8.57 14.56
C1 NAG B . 8.88 8.11 19.84
C2 NAG B . 7.88 9.24 19.62
C3 NAG B . 7.73 10.06 20.92
C4 NAG B . 7.42 9.15 22.11
C5 NAG B . 8.40 7.98 22.19
C6 NAG B . 7.98 6.96 23.25
C7 NAG B . 7.95 9.94 17.30
C8 NAG B . 8.53 10.90 16.27
N2 NAG B . 8.37 10.11 18.55
O3 NAG B . 6.69 11.01 20.78
O4 NAG B . 7.49 9.91 23.31
O5 NAG B . 8.45 7.27 20.93
O6 NAG B . 7.06 6.01 22.72
O7 NAG B . 7.13 9.09 16.96
C1 FUC B . 9.98 -0.06 23.11
C2 FUC B . 10.81 0.76 24.09
C3 FUC B . 11.56 1.86 23.35
C4 FUC B . 10.59 2.73 22.55
C5 FUC B . 9.74 1.85 21.63
C6 FUC B . 8.65 2.63 20.92
O2 FUC B . 11.75 -0.08 24.75
O3 FUC B . 12.29 2.67 24.27
O4 FUC B . 9.74 3.45 23.45
O5 FUC B . 9.09 0.80 22.38
C1 NAG C . -28.25 -3.68 13.90
C2 NAG C . -28.84 -3.66 12.50
C3 NAG C . -28.93 -5.08 11.96
C4 NAG C . -27.51 -5.63 11.90
C5 NAG C . -26.80 -5.52 13.28
C6 NAG C . -25.30 -5.77 13.13
C7 NAG C . -30.36 -2.01 11.65
C8 NAG C . -31.72 -1.33 11.68
N2 NAG C . -30.14 -3.01 12.51
O3 NAG C . -29.49 -5.07 10.63
O4 NAG C . -27.55 -7.01 11.47
O5 NAG C . -26.92 -4.18 13.83
O6 NAG C . -25.03 -7.10 12.73
O7 NAG C . -29.51 -1.65 10.83
C1 NAG C . -26.57 -7.43 10.56
C2 NAG C . -26.64 -8.97 10.44
C3 NAG C . -25.71 -9.49 9.33
C4 NAG C . -26.18 -8.79 8.05
C5 NAG C . -25.93 -7.29 8.24
C6 NAG C . -26.15 -6.45 6.99
C7 NAG C . -27.14 -10.50 12.22
C8 NAG C . -26.77 -11.10 13.58
N2 NAG C . -26.31 -9.58 11.71
O3 NAG C . -25.82 -10.90 9.23
O4 NAG C . -25.60 -9.33 6.81
O5 NAG C . -26.81 -6.80 9.28
O6 NAG C . -25.87 -5.09 7.26
O7 NAG C . -28.17 -10.87 11.64
C1 BMA C . -24.23 -9.42 6.54
C2 BMA C . -24.01 -9.11 5.01
C3 BMA C . -22.58 -8.62 4.65
C4 BMA C . -22.01 -7.68 5.70
C5 BMA C . -22.10 -8.42 7.02
C6 BMA C . -21.30 -7.82 8.16
O2 BMA C . -24.98 -8.16 4.57
O3 BMA C . -22.59 -7.95 3.38
O4 BMA C . -20.66 -7.33 5.40
O5 BMA C . -23.49 -8.52 7.40
O6 BMA C . -20.04 -8.50 8.31
C1 FUC C . -30.80 -5.57 10.46
C2 FUC C . -31.21 -5.39 8.99
C3 FUC C . -30.22 -6.19 8.14
C4 FUC C . -30.35 -7.67 8.52
C5 FUC C . -30.10 -7.85 10.04
C6 FUC C . -30.38 -9.27 10.53
O2 FUC C . -31.18 -4.01 8.64
O3 FUC C . -30.48 -6.02 6.75
O4 FUC C . -31.66 -8.12 8.19
O5 FUC C . -30.93 -6.95 10.82
C1 NAG D . 17.30 -13.96 7.04
C2 NAG D . 18.50 -13.99 6.04
C3 NAG D . 19.82 -14.37 6.76
C4 NAG D . 20.02 -13.51 8.02
C5 NAG D . 18.76 -13.61 8.91
C6 NAG D . 18.87 -12.76 10.16
C7 NAG D . 17.45 -14.73 3.96
C8 NAG D . 17.23 -15.86 2.98
N2 NAG D . 18.23 -14.99 5.02
O3 NAG D . 20.92 -14.18 5.89
O4 NAG D . 21.16 -13.96 8.75
O5 NAG D . 17.60 -13.16 8.18
O6 NAG D . 18.62 -11.38 9.88
O7 NAG D . 16.92 -13.63 3.75
C1 IDD E . 13.41 0.89 -0.16
C2 IDD E . 13.94 0.12 0.91
C3 IDD E . 15.14 0.54 1.56
C4 IDD E . 15.78 1.73 1.14
C5 IDD E . 15.25 2.50 0.08
C6 IDD E . 14.07 2.08 -0.57
C1B IDD E . 10.37 -0.81 -1.36
C2B IDD E . 9.32 -1.90 -1.32
C3B IDD E . 8.25 -1.72 -2.44
C4B IDD E . 8.05 -0.21 -2.82
C5B IDD E . 9.36 0.39 -3.34
C6B IDD E . 9.30 1.90 -3.81
O2B IDD E . 9.93 -3.19 -1.41
O3B IDD E . 7.07 -2.30 -1.95
O4B IDD E . 7.03 -0.10 -3.84
N1B IDD E . 10.39 0.20 -2.25
O6B IDD E . 9.04 2.81 -2.70
N2B IDD E . 11.41 -0.70 -0.54
C7B IDD E . 12.14 0.43 -0.87
C8B IDD E . 11.51 0.98 -1.93
C1 GOL F . -1.92 17.45 28.31
O1 GOL F . -0.97 17.39 27.15
C2 GOL F . -1.30 17.03 29.67
O2 GOL F . -0.21 16.12 29.42
C3 GOL F . -2.33 16.36 30.59
O3 GOL F . -2.12 16.54 32.00
#